data_8F0S
#
_entry.id   8F0S
#
_cell.length_a   1.00
_cell.length_b   1.00
_cell.length_c   1.00
_cell.angle_alpha   90.00
_cell.angle_beta   90.00
_cell.angle_gamma   90.00
#
_symmetry.space_group_name_H-M   'P 1'
#
loop_
_entity.id
_entity.type
_entity.pdbx_description
1 polymer 'Sodium channel protein PaFPC1,Sodium channel protein type 9 subunit alpha chimera'
2 polymer Beta-diguetoxin-Dc1a
3 branched beta-D-mannopyranose-(1-3)-[beta-D-mannopyranose-(1-6)]beta-D-mannopyranose-(1-3)-2-acetamido-2-deoxy-beta-D-glucopyranose-(1-3)-2-acetamido-2-deoxy-beta-D-glucopyranose
4 branched 2-acetamido-2-deoxy-beta-D-glucopyranose-(1-4)-2-acetamido-2-deoxy-beta-D-glucopyranose
5 non-polymer 2-acetamido-2-deoxy-beta-D-glucopyranose
6 non-polymer 5-chloro-4-(cyclopentylmethoxy)-N-(4-{[(1S,2S)-2-(dimethylamino)cyclohexyl]amino}-2-fluorobenzene-1-sulfonyl)-2-fluorobenzamide
7 non-polymer 1,2-dioleoyl-sn-glycero-3-phosphoethanolamine
8 non-polymer 'CHOLESTEROL HEMISUCCINATE'
#
loop_
_entity_poly.entity_id
_entity_poly.type
_entity_poly.pdbx_seq_one_letter_code
_entity_poly.pdbx_strand_id
1 'polypeptide(L)'
;MWSHPQFEKGGGSGGGSGGSAWSHPQFEKGGSGGDYKDDDDKGGSGGDYKDDDDKMADNSPLIREERQRLFRPYTRAMLT
APSAQPAKENGKTEENKDNSRDKGRGANKDRDGSAHPDQALEQGSRLPARMRNIFPAELASTPLEDFDPFYKNKKTFVVV
TKAGDIFRFSGEKSLWMLDPFTPIRRVAISTMVQPIFSYFIMITILIHCIFMIMPATQTTYILELVFLSIYTIEVVVKVL
ARGFILHPFAYLRDPWNWLDFLVTLIGYITLVVDLGHLYALRAFRVLRSWRTVTIVPGWRTIVDALSLSITSLKDLVLLL
LFSLSVFALIGLQLFMGNLKHKCVKHFPADGSWGNFTDERWFNYTSNSSHWYIPDDWIEYPLCGNSSGAGMCPPGYTCLQ
GYGGNPNYGYTSFDTFGWAFLSVFRLVTLDYWEDLYQLALRSAGPWHILFFIIVVFYGTFCFLNFILAVVVMSYTHMVKR
ADEEKAAERELKKEKKAASVANNTANGQEQTTIEMNGDEAVVIDNNDQAARQQSDPETPAPSVTQRLTDFLCVWDCCVPW
QKLQGAIGAVVLSPFFELFIAVIIVLNITFMALDHHDMNIEFERILRTGNYIFTSIYIVEAVLKIIALSPKFYFKDSWNV
FDFIIVVFAILELGLEGVQGLSVFRSFRLLRVFRLAKFWPTLNNFMSVMTKSYGAFVNVMYVMFLLLFIFAIIGMQLFGM
NYIDNMERFPDGDLPRWNFTDFLHSFMIVFRALCGEWIESMWDCMLVGDWSCIPFFVAVFFVGNLVILNLLIALLLNNYG
SFCTSPTSDEEDSKDEDALAQIVRIFKRFKPNLNAVKLSPMKPDSEDIVESQEIQGNNIADAEDVLAGEFPPDCCCNAFY
KCFPSRPARDSSVQRMWSNIRRVCFLLAKNKYFQKFVTAVLVITSVLLALEDIYLPQRPVLVNITLYVDYVLTAFFVIEM
IIMLFAVGFKKYFTSKWYWLDFIVVVAYLLNFVLMCAGIEALQTLRLLRVFRLFRPLSKVNGMQVVTSTLVEAVPHIFNV
ILVGIFFWLVFAIMGVQLFAGKFYKCVDENSTVLSHEITMDRNDCLHENYTWENSPMNFDHVGNAYLSLLQVATFKGWLQ
IMNDAIDSREVHKQPIRETNIYMYLYFIFFIVFGSFFILKLFVCILIDIFRQQRRKAEGLSATDSRTQLIYRRAVMRTMS
AKPVKRIPKPGNKIQGCIFDLVTNQAFDISIMVLICLNMVTMMVEKEGQSQHMTEVLYWINVVFIILFTGECVLKLISLR
HYYFTVGWNIFDFVVVIISIVGMFLADLIETYFVSPTLFRVIRLARIGRILRLVKGAKGIRLLLLALRKALRTLFNVSFL
LFVIMFVYAVFGMEFFMHIRDAGAIDDVYNFKTFGQSIILLFQLATSAGWDGVYFAIANEEDCRAPDHELGYPGNCGSRA
LGIAYLVSYLIITCLVVINMYAAVILDYVLEVYEDSKEGLTDDDYDMFFEVWQQFDPEATQYIRYDQLSELLEALQPPLQ
VQKPNKYKILSMNIPICKDDHIFYKDVLEALVKDVFSRRGSPVEAGDVQAPNVDEAEYKPVSSTLQRQREEYCVRLIQNA
WRKHKQQN
;
A
2 'polypeptide(L)' HHHHHHGENLYFQGSAKDGDVEGPAGCKKYDVECDSGECCQKQYLWYKWRPLDCRCLKSGFFSSKCVCRDV B
#
# COMPACT_ATOMS: atom_id res chain seq x y z
N ILE A 184 -44.03 -24.14 -33.36
CA ILE A 184 -42.87 -24.50 -32.55
C ILE A 184 -41.84 -23.38 -32.62
N ARG A 185 -41.18 -23.25 -33.78
CA ARG A 185 -40.15 -22.24 -33.95
C ARG A 185 -40.74 -20.84 -33.76
N ARG A 186 -41.95 -20.61 -34.29
CA ARG A 186 -42.62 -19.34 -34.09
C ARG A 186 -42.82 -19.07 -32.60
N VAL A 187 -43.28 -20.09 -31.85
CA VAL A 187 -43.51 -19.91 -30.43
C VAL A 187 -42.20 -19.61 -29.71
N ALA A 188 -41.14 -20.34 -30.05
CA ALA A 188 -39.86 -20.13 -29.40
C ALA A 188 -39.35 -18.72 -29.64
N ILE A 189 -39.43 -18.25 -30.89
CA ILE A 189 -38.98 -16.90 -31.19
C ILE A 189 -39.83 -15.88 -30.45
N SER A 190 -41.15 -16.06 -30.47
CA SER A 190 -42.03 -15.08 -29.83
C SER A 190 -41.77 -15.00 -28.33
N THR A 191 -41.51 -16.14 -27.68
CA THR A 191 -41.29 -16.14 -26.24
C THR A 191 -39.89 -15.66 -25.87
N MET A 192 -38.89 -15.97 -26.69
CA MET A 192 -37.50 -15.70 -26.31
C MET A 192 -37.24 -14.20 -26.15
N VAL A 193 -37.74 -13.38 -27.08
CA VAL A 193 -37.34 -11.98 -27.13
C VAL A 193 -38.22 -11.06 -26.27
N GLN A 194 -39.24 -11.60 -25.62
CA GLN A 194 -40.04 -10.77 -24.74
C GLN A 194 -39.22 -10.36 -23.53
N PRO A 195 -39.26 -9.09 -23.11
CA PRO A 195 -38.54 -8.71 -21.89
C PRO A 195 -39.04 -9.42 -20.66
N ILE A 196 -40.29 -9.89 -20.66
CA ILE A 196 -40.83 -10.55 -19.48
C ILE A 196 -40.04 -11.80 -19.16
N PHE A 197 -39.64 -12.55 -20.19
CA PHE A 197 -38.86 -13.76 -19.96
C PHE A 197 -37.49 -13.43 -19.39
N SER A 198 -36.83 -12.41 -19.95
CA SER A 198 -35.52 -12.01 -19.44
C SER A 198 -35.61 -11.58 -17.98
N TYR A 199 -36.63 -10.79 -17.63
CA TYR A 199 -36.76 -10.31 -16.27
C TYR A 199 -37.15 -11.44 -15.32
N PHE A 200 -37.95 -12.39 -15.81
CA PHE A 200 -38.27 -13.57 -15.01
C PHE A 200 -37.00 -14.33 -14.66
N ILE A 201 -36.14 -14.57 -15.66
CA ILE A 201 -34.91 -15.31 -15.39
C ILE A 201 -34.00 -14.50 -14.45
N MET A 202 -33.95 -13.18 -14.62
CA MET A 202 -33.08 -12.37 -13.78
C MET A 202 -33.56 -12.40 -12.32
N ILE A 203 -34.87 -12.30 -12.09
CA ILE A 203 -35.38 -12.40 -10.73
C ILE A 203 -35.08 -13.77 -10.16
N THR A 204 -35.23 -14.82 -10.97
CA THR A 204 -34.89 -16.15 -10.49
C THR A 204 -33.43 -16.22 -10.06
N ILE A 205 -32.54 -15.60 -10.84
CA ILE A 205 -31.12 -15.64 -10.49
C ILE A 205 -30.84 -14.87 -9.20
N LEU A 206 -31.49 -13.71 -9.03
CA LEU A 206 -31.28 -12.94 -7.80
C LEU A 206 -31.77 -13.71 -6.57
N ILE A 207 -32.94 -14.35 -6.69
CA ILE A 207 -33.43 -15.20 -5.60
C ILE A 207 -32.44 -16.33 -5.34
N HIS A 208 -31.87 -16.90 -6.40
CA HIS A 208 -30.89 -17.97 -6.25
C HIS A 208 -29.67 -17.50 -5.48
N CYS A 209 -29.20 -16.27 -5.77
CA CYS A 209 -28.09 -15.71 -5.02
C CYS A 209 -28.45 -15.58 -3.54
N ILE A 210 -29.63 -15.02 -3.27
CA ILE A 210 -30.05 -14.85 -1.88
C ILE A 210 -30.09 -16.19 -1.17
N PHE A 211 -30.49 -17.25 -1.88
CA PHE A 211 -30.52 -18.57 -1.28
C PHE A 211 -29.13 -19.20 -1.14
N MET A 212 -28.19 -18.89 -2.04
CA MET A 212 -26.82 -19.35 -1.80
C MET A 212 -26.22 -18.71 -0.58
N ILE A 213 -26.62 -17.47 -0.25
CA ILE A 213 -26.06 -16.85 0.95
C ILE A 213 -26.43 -17.66 2.19
N MET A 214 -27.67 -18.13 2.27
CA MET A 214 -28.14 -18.81 3.45
C MET A 214 -27.69 -20.28 3.46
N PRO A 215 -27.59 -20.89 4.65
CA PRO A 215 -27.15 -22.28 4.73
C PRO A 215 -28.15 -23.23 4.06
N ALA A 216 -27.61 -24.37 3.59
CA ALA A 216 -28.40 -25.32 2.81
C ALA A 216 -29.19 -26.26 3.71
N THR A 217 -30.43 -26.52 3.32
CA THR A 217 -31.28 -27.50 3.99
C THR A 217 -32.07 -28.25 2.93
N GLN A 218 -33.08 -29.02 3.37
CA GLN A 218 -33.92 -29.74 2.42
C GLN A 218 -34.70 -28.78 1.53
N THR A 219 -35.22 -27.71 2.12
CA THR A 219 -35.87 -26.67 1.33
C THR A 219 -34.92 -26.15 0.26
N THR A 220 -33.66 -25.92 0.62
CA THR A 220 -32.71 -25.45 -0.38
C THR A 220 -32.50 -26.49 -1.47
N TYR A 221 -32.52 -27.77 -1.14
CA TYR A 221 -32.37 -28.80 -2.16
C TYR A 221 -33.51 -28.75 -3.17
N ILE A 222 -34.75 -28.73 -2.69
CA ILE A 222 -35.88 -28.68 -3.62
C ILE A 222 -35.83 -27.41 -4.44
N LEU A 223 -35.39 -26.30 -3.83
CA LEU A 223 -35.34 -25.05 -4.57
C LEU A 223 -34.23 -25.03 -5.62
N GLU A 224 -33.11 -25.71 -5.36
CA GLU A 224 -32.12 -25.90 -6.43
C GLU A 224 -32.69 -26.72 -7.58
N LEU A 225 -33.47 -27.75 -7.27
CA LEU A 225 -34.13 -28.47 -8.36
C LEU A 225 -35.06 -27.54 -9.14
N VAL A 226 -35.82 -26.69 -8.45
CA VAL A 226 -36.70 -25.74 -9.13
C VAL A 226 -35.89 -24.81 -10.02
N PHE A 227 -34.79 -24.28 -9.50
CA PHE A 227 -33.97 -23.34 -10.28
C PHE A 227 -33.36 -24.02 -11.50
N LEU A 228 -32.88 -25.25 -11.33
CA LEU A 228 -32.32 -25.98 -12.46
C LEU A 228 -33.38 -26.22 -13.51
N SER A 229 -34.62 -26.51 -13.08
CA SER A 229 -35.71 -26.69 -14.03
C SER A 229 -35.96 -25.41 -14.82
N ILE A 230 -35.97 -24.26 -14.14
CA ILE A 230 -36.17 -22.99 -14.83
C ILE A 230 -35.07 -22.77 -15.86
N TYR A 231 -33.82 -23.05 -15.48
CA TYR A 231 -32.71 -22.82 -16.39
C TYR A 231 -32.75 -23.76 -17.59
N THR A 232 -33.19 -25.00 -17.40
CA THR A 232 -33.35 -25.91 -18.53
C THR A 232 -34.47 -25.44 -19.45
N ILE A 233 -35.56 -24.93 -18.89
CA ILE A 233 -36.59 -24.34 -19.73
C ILE A 233 -36.00 -23.22 -20.57
N GLU A 234 -35.19 -22.36 -19.96
CA GLU A 234 -34.55 -21.28 -20.70
C GLU A 234 -33.68 -21.82 -21.82
N VAL A 235 -32.85 -22.82 -21.52
CA VAL A 235 -31.90 -23.32 -22.50
C VAL A 235 -32.64 -24.00 -23.66
N VAL A 236 -33.68 -24.75 -23.35
CA VAL A 236 -34.48 -25.39 -24.39
C VAL A 236 -35.11 -24.33 -25.28
N VAL A 237 -35.69 -23.30 -24.67
CA VAL A 237 -36.30 -22.23 -25.45
C VAL A 237 -35.28 -21.61 -26.39
N LYS A 238 -34.10 -21.28 -25.86
CA LYS A 238 -33.11 -20.59 -26.68
C LYS A 238 -32.60 -21.48 -27.81
N VAL A 239 -32.35 -22.75 -27.53
CA VAL A 239 -31.80 -23.62 -28.55
C VAL A 239 -32.83 -23.87 -29.64
N LEU A 240 -34.08 -24.14 -29.28
CA LEU A 240 -35.11 -24.27 -30.30
C LEU A 240 -35.30 -22.97 -31.05
N ALA A 241 -34.99 -21.84 -30.43
CA ALA A 241 -35.08 -20.57 -31.15
C ALA A 241 -34.01 -20.47 -32.23
N ARG A 242 -32.75 -20.78 -31.89
CA ARG A 242 -31.63 -20.47 -32.75
C ARG A 242 -31.02 -21.70 -33.41
N GLY A 243 -30.57 -22.67 -32.63
CA GLY A 243 -29.71 -23.73 -33.09
C GLY A 243 -28.66 -23.97 -32.04
N PHE A 244 -27.69 -24.84 -32.33
CA PHE A 244 -26.65 -25.13 -31.35
C PHE A 244 -25.33 -24.44 -31.65
N ILE A 245 -24.67 -24.78 -32.76
CA ILE A 245 -23.42 -24.13 -33.15
C ILE A 245 -23.39 -23.86 -34.65
N LEU A 246 -24.27 -24.52 -35.40
CA LEU A 246 -24.13 -24.55 -36.85
C LEU A 246 -24.24 -23.16 -37.46
N HIS A 247 -25.23 -22.38 -37.02
CA HIS A 247 -25.52 -21.12 -37.66
C HIS A 247 -24.58 -20.02 -37.17
N PRO A 248 -24.40 -18.96 -37.97
CA PRO A 248 -23.59 -17.83 -37.50
C PRO A 248 -24.16 -17.16 -36.26
N PHE A 249 -25.47 -17.22 -36.09
CA PHE A 249 -26.16 -16.68 -34.91
C PHE A 249 -26.81 -17.80 -34.12
N ALA A 250 -26.09 -18.91 -33.96
CA ALA A 250 -26.60 -20.05 -33.21
C ALA A 250 -26.59 -19.76 -31.71
N TYR A 251 -27.03 -20.75 -30.93
CA TYR A 251 -27.18 -20.56 -29.50
C TYR A 251 -25.83 -20.29 -28.84
N LEU A 252 -24.81 -21.08 -29.19
CA LEU A 252 -23.51 -20.98 -28.54
C LEU A 252 -22.55 -20.06 -29.25
N ARG A 253 -23.05 -19.11 -30.05
CA ARG A 253 -22.18 -18.14 -30.67
C ARG A 253 -21.89 -16.95 -29.76
N ASP A 254 -22.65 -16.79 -28.68
CA ASP A 254 -22.48 -15.73 -27.71
C ASP A 254 -21.89 -16.28 -26.43
N PRO A 255 -20.84 -15.67 -25.86
CA PRO A 255 -20.29 -16.20 -24.60
C PRO A 255 -21.29 -16.25 -23.46
N TRP A 256 -22.30 -15.38 -23.45
CA TRP A 256 -23.32 -15.44 -22.40
C TRP A 256 -24.00 -16.81 -22.39
N ASN A 257 -24.44 -17.27 -23.55
CA ASN A 257 -25.06 -18.60 -23.63
C ASN A 257 -24.05 -19.69 -23.29
N TRP A 258 -22.78 -19.49 -23.62
CA TRP A 258 -21.77 -20.48 -23.26
C TRP A 258 -21.69 -20.62 -21.74
N LEU A 259 -21.67 -19.50 -21.02
CA LEU A 259 -21.62 -19.53 -19.57
C LEU A 259 -22.87 -20.22 -19.01
N ASP A 260 -24.04 -19.81 -19.50
CA ASP A 260 -25.27 -20.39 -18.97
C ASP A 260 -25.34 -21.89 -19.22
N PHE A 261 -24.99 -22.32 -20.44
CA PHE A 261 -25.09 -23.74 -20.79
C PHE A 261 -24.06 -24.56 -20.03
N LEU A 262 -22.85 -24.03 -19.86
CA LEU A 262 -21.84 -24.76 -19.09
C LEU A 262 -22.28 -24.91 -17.63
N VAL A 263 -22.86 -23.85 -17.05
CA VAL A 263 -23.29 -23.96 -15.66
C VAL A 263 -24.45 -24.94 -15.53
N THR A 264 -25.34 -24.98 -16.53
CA THR A 264 -26.42 -25.97 -16.50
C THR A 264 -25.86 -27.39 -16.58
N LEU A 265 -24.88 -27.62 -17.46
CA LEU A 265 -24.25 -28.93 -17.53
C LEU A 265 -23.60 -29.29 -16.20
N ILE A 266 -22.95 -28.33 -15.57
CA ILE A 266 -22.26 -28.61 -14.31
C ILE A 266 -23.28 -28.90 -13.21
N GLY A 267 -24.41 -28.20 -13.21
CA GLY A 267 -25.44 -28.49 -12.24
C GLY A 267 -26.00 -29.89 -12.38
N TYR A 268 -26.25 -30.31 -13.62
CA TYR A 268 -26.71 -31.69 -13.82
C TYR A 268 -25.63 -32.70 -13.47
N ILE A 269 -24.36 -32.39 -13.72
CA ILE A 269 -23.28 -33.30 -13.33
C ILE A 269 -23.25 -33.46 -11.82
N THR A 270 -23.39 -32.35 -11.09
CA THR A 270 -23.40 -32.42 -9.62
C THR A 270 -24.60 -33.21 -9.12
N LEU A 271 -25.77 -33.02 -9.75
CA LEU A 271 -26.95 -33.79 -9.35
C LEU A 271 -26.75 -35.28 -9.61
N VAL A 272 -26.18 -35.63 -10.76
CA VAL A 272 -26.04 -37.04 -11.12
C VAL A 272 -25.05 -37.72 -10.19
N VAL A 273 -23.90 -37.10 -9.96
CA VAL A 273 -22.90 -37.66 -9.06
C VAL A 273 -23.08 -37.10 -7.67
N TYR A 279 -17.71 -32.45 -5.46
CA TYR A 279 -18.39 -31.38 -4.73
C TYR A 279 -17.82 -30.02 -5.09
N ALA A 280 -16.50 -29.97 -5.32
CA ALA A 280 -15.87 -28.68 -5.59
C ALA A 280 -16.45 -28.03 -6.83
N LEU A 281 -16.99 -28.83 -7.75
CA LEU A 281 -17.49 -28.29 -9.00
C LEU A 281 -18.77 -27.49 -8.79
N ARG A 282 -19.57 -27.81 -7.78
CA ARG A 282 -20.87 -27.17 -7.58
C ARG A 282 -20.76 -25.73 -7.10
N ALA A 283 -19.57 -25.26 -6.70
CA ALA A 283 -19.42 -23.85 -6.38
C ALA A 283 -19.64 -22.97 -7.60
N PHE A 284 -19.05 -23.35 -8.72
CA PHE A 284 -19.00 -22.47 -9.89
C PHE A 284 -20.37 -22.23 -10.50
N ARG A 285 -21.42 -22.90 -10.02
CA ARG A 285 -22.76 -22.53 -10.46
C ARG A 285 -23.05 -21.07 -10.15
N VAL A 286 -22.47 -20.54 -9.07
CA VAL A 286 -22.67 -19.13 -8.75
C VAL A 286 -22.28 -18.22 -9.91
N LEU A 287 -21.49 -18.72 -10.86
CA LEU A 287 -21.07 -17.90 -11.99
C LEU A 287 -22.27 -17.35 -12.75
N ARG A 288 -23.42 -18.03 -12.69
CA ARG A 288 -24.60 -17.53 -13.38
C ARG A 288 -24.92 -16.09 -12.96
N SER A 289 -24.62 -15.74 -11.71
CA SER A 289 -24.94 -14.42 -11.20
C SER A 289 -24.29 -13.32 -12.01
N TRP A 290 -23.25 -13.64 -12.78
CA TRP A 290 -22.62 -12.62 -13.62
C TRP A 290 -23.64 -11.93 -14.53
N ARG A 291 -24.68 -12.66 -14.96
CA ARG A 291 -25.67 -12.05 -15.84
C ARG A 291 -26.30 -10.82 -15.21
N THR A 292 -26.42 -10.80 -13.88
CA THR A 292 -27.02 -9.65 -13.20
C THR A 292 -26.34 -8.35 -13.54
N VAL A 293 -25.15 -8.38 -14.15
CA VAL A 293 -24.47 -7.13 -14.48
C VAL A 293 -25.34 -6.28 -15.41
N THR A 294 -26.19 -6.92 -16.22
CA THR A 294 -26.95 -6.16 -17.21
C THR A 294 -28.10 -5.36 -16.63
N ILE A 295 -28.47 -5.57 -15.36
CA ILE A 295 -29.59 -4.83 -14.78
C ILE A 295 -29.27 -3.35 -14.70
N VAL A 296 -28.07 -3.01 -14.25
CA VAL A 296 -27.73 -1.59 -14.06
C VAL A 296 -27.54 -0.93 -15.42
N PRO A 297 -28.08 0.26 -15.64
CA PRO A 297 -27.80 0.96 -16.90
C PRO A 297 -26.34 1.39 -17.00
N GLY A 298 -25.88 1.51 -18.23
CA GLY A 298 -24.50 1.91 -18.47
C GLY A 298 -23.49 0.82 -18.23
N TRP A 299 -23.93 -0.44 -18.14
CA TRP A 299 -23.03 -1.54 -17.84
C TRP A 299 -22.14 -1.90 -19.03
N ARG A 300 -22.58 -1.60 -20.25
CA ARG A 300 -21.80 -1.99 -21.42
C ARG A 300 -20.43 -1.34 -21.42
N THR A 301 -20.34 -0.06 -21.04
CA THR A 301 -19.06 0.62 -21.02
C THR A 301 -18.09 -0.06 -20.06
N ILE A 302 -18.56 -0.40 -18.86
CA ILE A 302 -17.68 -1.01 -17.86
C ILE A 302 -17.27 -2.42 -18.29
N VAL A 303 -18.22 -3.19 -18.82
CA VAL A 303 -17.89 -4.55 -19.24
C VAL A 303 -16.89 -4.52 -20.39
N ASP A 304 -17.09 -3.62 -21.35
CA ASP A 304 -16.16 -3.51 -22.47
C ASP A 304 -14.78 -3.07 -21.99
N ALA A 305 -14.73 -2.12 -21.05
CA ALA A 305 -13.44 -1.70 -20.52
C ALA A 305 -12.72 -2.84 -19.81
N LEU A 306 -13.46 -3.62 -19.01
CA LEU A 306 -12.85 -4.74 -18.31
C LEU A 306 -12.31 -5.76 -19.31
N SER A 307 -13.10 -6.08 -20.33
CA SER A 307 -12.66 -7.06 -21.32
C SER A 307 -11.45 -6.55 -22.09
N LEU A 308 -11.45 -5.27 -22.44
CA LEU A 308 -10.30 -4.71 -23.16
C LEU A 308 -9.04 -4.74 -22.30
N SER A 309 -9.18 -4.42 -21.01
CA SER A 309 -8.02 -4.47 -20.11
C SER A 309 -7.47 -5.89 -20.03
N ILE A 310 -8.35 -6.88 -19.87
CA ILE A 310 -7.89 -8.26 -19.78
C ILE A 310 -7.18 -8.67 -21.07
N THR A 311 -7.76 -8.31 -22.22
CA THR A 311 -7.14 -8.70 -23.48
C THR A 311 -5.83 -7.94 -23.72
N SER A 312 -5.69 -6.75 -23.15
CA SER A 312 -4.48 -5.97 -23.33
C SER A 312 -3.38 -6.36 -22.37
N LEU A 313 -3.69 -7.09 -21.31
CA LEU A 313 -2.68 -7.45 -20.33
C LEU A 313 -1.77 -8.60 -20.76
N LYS A 314 -1.86 -9.09 -22.00
CA LYS A 314 -1.11 -10.30 -22.37
C LYS A 314 0.39 -10.06 -22.34
N ASP A 315 0.85 -8.99 -22.99
CA ASP A 315 2.28 -8.71 -23.07
C ASP A 315 2.83 -8.34 -21.71
N LEU A 316 2.03 -7.61 -20.92
CA LEU A 316 2.42 -7.34 -19.54
C LEU A 316 2.54 -8.62 -18.75
N VAL A 317 1.70 -9.61 -19.03
CA VAL A 317 1.80 -10.89 -18.34
C VAL A 317 3.11 -11.58 -18.68
N LEU A 318 3.50 -11.55 -19.96
CA LEU A 318 4.78 -12.15 -20.33
C LEU A 318 5.94 -11.46 -19.62
N LEU A 319 5.94 -10.12 -19.61
CA LEU A 319 7.02 -9.41 -18.94
C LEU A 319 7.00 -9.66 -17.43
N LEU A 320 5.80 -9.74 -16.84
CA LEU A 320 5.69 -10.01 -15.41
C LEU A 320 6.29 -11.37 -15.08
N LEU A 321 5.96 -12.39 -15.88
CA LEU A 321 6.53 -13.71 -15.65
C LEU A 321 8.05 -13.68 -15.73
N PHE A 322 8.59 -13.04 -16.77
CA PHE A 322 10.04 -13.02 -16.91
C PHE A 322 10.71 -12.29 -15.75
N SER A 323 10.21 -11.12 -15.39
CA SER A 323 10.86 -10.33 -14.34
C SER A 323 10.74 -11.02 -12.98
N LEU A 324 9.57 -11.61 -12.71
CA LEU A 324 9.41 -12.36 -11.46
C LEU A 324 10.34 -13.56 -11.42
N SER A 325 10.53 -14.24 -12.56
CA SER A 325 11.45 -15.37 -12.58
C SER A 325 12.89 -14.92 -12.33
N VAL A 326 13.29 -13.80 -12.94
CA VAL A 326 14.65 -13.31 -12.73
C VAL A 326 14.86 -12.97 -11.25
N PHE A 327 13.90 -12.25 -10.66
CA PHE A 327 14.02 -11.90 -9.26
C PHE A 327 13.98 -13.12 -8.36
N ALA A 328 13.20 -14.14 -8.71
CA ALA A 328 13.16 -15.35 -7.92
C ALA A 328 14.49 -16.09 -7.98
N LEU A 329 15.13 -16.11 -9.15
CA LEU A 329 16.45 -16.72 -9.24
C LEU A 329 17.46 -15.94 -8.40
N ILE A 330 17.40 -14.61 -8.45
CA ILE A 330 18.31 -13.80 -7.65
C ILE A 330 18.08 -14.06 -6.16
N GLY A 331 16.81 -14.10 -5.75
CA GLY A 331 16.51 -14.35 -4.35
C GLY A 331 16.92 -15.75 -3.90
N LEU A 332 16.74 -16.73 -4.78
CA LEU A 332 17.20 -18.09 -4.48
C LEU A 332 18.71 -18.11 -4.30
N GLN A 333 19.43 -17.37 -5.14
CA GLN A 333 20.88 -17.28 -4.99
C GLN A 333 21.28 -16.56 -3.70
N LEU A 334 20.49 -15.58 -3.27
CA LEU A 334 20.89 -14.72 -2.16
C LEU A 334 20.49 -15.26 -0.79
N PHE A 335 19.28 -15.80 -0.65
CA PHE A 335 18.69 -16.13 0.64
C PHE A 335 18.41 -17.62 0.79
N MET A 336 19.20 -18.48 0.16
CA MET A 336 18.98 -19.92 0.24
C MET A 336 19.23 -20.40 1.66
N GLY A 337 18.17 -20.84 2.34
CA GLY A 337 18.30 -21.35 3.69
C GLY A 337 18.58 -20.31 4.75
N ASN A 338 18.67 -19.03 4.39
CA ASN A 338 18.95 -18.00 5.37
C ASN A 338 17.82 -17.85 6.38
N LEU A 339 16.60 -18.15 5.97
CA LEU A 339 15.44 -18.05 6.85
C LEU A 339 15.29 -19.27 7.77
N LYS A 340 16.21 -20.21 7.73
CA LYS A 340 16.25 -21.32 8.67
C LYS A 340 17.26 -21.10 9.79
N HIS A 341 17.95 -19.96 9.80
CA HIS A 341 18.95 -19.70 10.83
C HIS A 341 18.30 -19.66 12.20
N LYS A 342 18.90 -20.37 13.16
CA LYS A 342 18.35 -20.45 14.50
C LYS A 342 19.49 -20.40 15.52
N CYS A 343 19.15 -19.92 16.71
CA CYS A 343 20.10 -19.85 17.81
C CYS A 343 20.01 -21.14 18.62
N VAL A 344 21.08 -21.93 18.62
CA VAL A 344 21.11 -23.22 19.27
C VAL A 344 22.03 -23.14 20.48
N LYS A 345 21.58 -23.70 21.60
CA LYS A 345 22.40 -23.74 22.80
C LYS A 345 23.63 -24.59 22.57
N HIS A 346 24.73 -24.20 23.20
CA HIS A 346 25.97 -24.94 23.09
C HIS A 346 25.85 -26.29 23.79
N PHE A 347 26.58 -27.28 23.28
CA PHE A 347 26.59 -28.59 23.90
C PHE A 347 27.12 -28.46 25.32
N PRO A 348 26.39 -28.91 26.33
CA PRO A 348 26.82 -28.66 27.72
C PRO A 348 28.12 -29.37 28.05
N ALA A 349 28.96 -28.68 28.82
CA ALA A 349 30.22 -29.24 29.28
C ALA A 349 30.10 -29.96 30.62
N ASP A 350 28.96 -29.85 31.29
CA ASP A 350 28.75 -30.56 32.54
C ASP A 350 28.60 -32.06 32.35
N GLY A 351 28.35 -32.51 31.13
CA GLY A 351 28.23 -33.92 30.85
C GLY A 351 26.87 -34.52 31.13
N SER A 352 25.86 -33.69 31.40
CA SER A 352 24.51 -34.22 31.59
C SER A 352 24.02 -34.90 30.32
N TRP A 353 24.32 -34.32 29.16
CA TRP A 353 24.00 -34.96 27.90
C TRP A 353 25.01 -36.05 27.55
N GLY A 354 26.16 -36.06 28.20
CA GLY A 354 27.14 -37.13 28.05
C GLY A 354 28.45 -36.64 27.46
N ASN A 355 29.44 -37.52 27.54
CA ASN A 355 30.73 -37.27 26.90
C ASN A 355 30.53 -36.95 25.44
N PHE A 356 31.25 -35.93 24.95
CA PHE A 356 31.03 -35.45 23.61
C PHE A 356 31.37 -36.53 22.58
N THR A 357 30.45 -36.75 21.65
CA THR A 357 30.72 -37.44 20.40
C THR A 357 29.94 -36.71 19.31
N ASP A 358 30.39 -36.85 18.06
CA ASP A 358 29.77 -36.11 16.99
C ASP A 358 28.28 -36.43 16.90
N GLU A 359 27.92 -37.71 17.05
CA GLU A 359 26.52 -38.09 17.10
C GLU A 359 25.80 -37.43 18.26
N ARG A 360 26.45 -37.38 19.43
CA ARG A 360 25.81 -36.74 20.58
C ARG A 360 25.58 -35.27 20.32
N TRP A 361 26.55 -34.59 19.71
CA TRP A 361 26.38 -33.17 19.42
C TRP A 361 25.24 -32.95 18.45
N PHE A 362 25.15 -33.78 17.41
CA PHE A 362 24.04 -33.64 16.48
C PHE A 362 22.71 -33.89 17.18
N ASN A 363 22.66 -34.89 18.03
CA ASN A 363 21.42 -35.22 18.74
C ASN A 363 20.98 -34.06 19.64
N TYR A 364 21.94 -33.44 20.34
CA TYR A 364 21.60 -32.30 21.17
C TYR A 364 21.16 -31.10 20.33
N THR A 365 21.88 -30.82 19.24
CA THR A 365 21.58 -29.64 18.45
C THR A 365 20.22 -29.76 17.76
N SER A 366 19.84 -30.97 17.37
CA SER A 366 18.60 -31.16 16.62
C SER A 366 17.36 -31.03 17.50
N ASN A 367 17.48 -31.28 18.79
CA ASN A 367 16.34 -31.17 19.69
C ASN A 367 15.77 -29.76 19.64
N SER A 368 14.45 -29.67 19.48
CA SER A 368 13.81 -28.36 19.38
C SER A 368 13.82 -27.62 20.71
N SER A 369 13.98 -28.33 21.82
CA SER A 369 13.97 -27.70 23.13
C SER A 369 15.24 -26.90 23.42
N HIS A 370 16.27 -27.01 22.57
CA HIS A 370 17.51 -26.28 22.76
C HIS A 370 17.66 -25.11 21.79
N TRP A 371 16.63 -24.82 20.99
CA TRP A 371 16.62 -23.63 20.16
C TRP A 371 16.08 -22.46 20.97
N TYR A 372 16.71 -21.30 20.81
CA TYR A 372 16.26 -20.13 21.53
C TYR A 372 14.90 -19.66 21.02
N ILE A 373 14.02 -19.34 21.95
CA ILE A 373 12.74 -18.70 21.64
C ILE A 373 12.22 -17.98 22.88
N PRO A 374 11.97 -16.67 22.80
CA PRO A 374 11.34 -15.98 23.92
C PRO A 374 9.97 -16.56 24.21
N ASP A 375 9.57 -16.49 25.48
CA ASP A 375 8.28 -17.01 25.88
C ASP A 375 7.17 -16.29 25.12
N ASP A 376 6.11 -17.04 24.80
CA ASP A 376 4.92 -16.56 24.11
C ASP A 376 5.17 -16.27 22.64
N TRP A 377 6.39 -16.47 22.13
CA TRP A 377 6.64 -16.32 20.71
C TRP A 377 6.26 -17.60 20.00
N ILE A 378 5.74 -17.45 18.77
CA ILE A 378 5.30 -18.60 17.99
C ILE A 378 6.37 -19.01 16.98
N GLU A 379 7.14 -18.04 16.51
CA GLU A 379 8.21 -18.29 15.56
C GLU A 379 9.56 -18.15 16.24
N TYR A 380 10.51 -18.98 15.82
CA TYR A 380 11.87 -18.88 16.34
C TYR A 380 12.55 -17.64 15.79
N PRO A 381 13.23 -16.85 16.62
CA PRO A 381 13.96 -15.70 16.09
C PRO A 381 15.08 -16.12 15.16
N LEU A 382 15.30 -15.31 14.13
CA LEU A 382 16.38 -15.55 13.19
C LEU A 382 17.67 -14.92 13.71
N CYS A 383 18.79 -15.44 13.23
CA CYS A 383 20.10 -14.94 13.61
C CYS A 383 20.97 -14.90 12.36
N GLY A 384 22.26 -14.62 12.57
CA GLY A 384 23.21 -14.52 11.48
C GLY A 384 24.52 -13.93 11.95
N ASN A 385 25.64 -14.44 11.43
CA ASN A 385 26.95 -14.01 11.86
C ASN A 385 27.50 -12.82 11.08
N SER A 386 26.74 -12.31 10.12
CA SER A 386 27.16 -11.12 9.39
C SER A 386 27.00 -9.88 10.28
N SER A 387 27.77 -8.84 9.95
CA SER A 387 27.72 -7.62 10.73
C SER A 387 26.39 -6.90 10.51
N GLY A 388 25.76 -6.47 11.60
CA GLY A 388 24.48 -5.81 11.54
C GLY A 388 23.28 -6.73 11.58
N ALA A 389 23.49 -8.03 11.64
CA ALA A 389 22.41 -9.01 11.67
C ALA A 389 22.04 -9.36 13.10
N GLY A 390 21.01 -10.18 13.26
CA GLY A 390 20.53 -10.59 14.56
C GLY A 390 21.54 -11.41 15.35
N MET A 391 21.85 -10.95 16.56
CA MET A 391 22.79 -11.62 17.44
C MET A 391 22.08 -12.67 18.29
N CYS A 392 22.84 -13.65 18.73
CA CYS A 392 22.31 -14.65 19.63
C CYS A 392 22.64 -14.28 21.07
N PRO A 393 21.83 -14.70 22.05
CA PRO A 393 22.18 -14.45 23.44
C PRO A 393 23.45 -15.20 23.82
N PRO A 394 24.02 -14.93 24.99
CA PRO A 394 25.22 -15.66 25.39
C PRO A 394 24.93 -17.14 25.54
N GLY A 395 25.94 -17.94 25.21
CA GLY A 395 25.79 -19.38 25.24
C GLY A 395 25.03 -19.96 24.07
N TYR A 396 24.79 -19.18 23.02
CA TYR A 396 24.03 -19.62 21.86
C TYR A 396 24.82 -19.34 20.60
N THR A 397 24.78 -20.29 19.68
CA THR A 397 25.48 -20.22 18.40
C THR A 397 24.46 -20.20 17.28
N CYS A 398 24.71 -19.37 16.27
CA CYS A 398 23.81 -19.27 15.13
C CYS A 398 24.13 -20.39 14.15
N LEU A 399 23.19 -21.31 13.97
CA LEU A 399 23.36 -22.42 13.05
C LEU A 399 22.31 -22.35 11.95
N GLN A 400 22.58 -23.10 10.88
CA GLN A 400 21.73 -23.15 9.72
C GLN A 400 21.31 -24.59 9.45
N GLY A 401 20.14 -24.74 8.84
CA GLY A 401 19.64 -26.04 8.45
C GLY A 401 18.89 -26.81 9.50
N TYR A 402 18.37 -26.14 10.53
CA TYR A 402 17.58 -26.79 11.56
C TYR A 402 16.16 -26.24 11.58
N GLY A 403 15.22 -27.09 11.92
CA GLY A 403 13.84 -26.67 12.06
C GLY A 403 13.17 -26.39 10.74
N GLY A 404 12.02 -25.72 10.84
CA GLY A 404 11.24 -25.33 9.69
C GLY A 404 11.34 -23.83 9.42
N ASN A 405 10.85 -23.45 8.25
CA ASN A 405 10.87 -22.07 7.84
C ASN A 405 9.77 -21.28 8.53
N PRO A 406 9.83 -19.95 8.50
CA PRO A 406 8.77 -19.15 9.11
C PRO A 406 7.43 -19.37 8.43
N ASN A 407 6.36 -19.19 9.20
CA ASN A 407 4.98 -19.21 8.69
C ASN A 407 4.62 -20.59 8.14
N TYR A 408 4.77 -21.60 8.99
CA TYR A 408 4.41 -22.97 8.65
C TYR A 408 5.23 -23.50 7.48
N GLY A 409 6.40 -22.93 7.24
CA GLY A 409 7.24 -23.36 6.14
C GLY A 409 6.89 -22.79 4.79
N TYR A 410 6.03 -21.77 4.73
CA TYR A 410 5.59 -21.19 3.47
C TYR A 410 6.36 -19.95 3.05
N THR A 411 7.24 -19.42 3.90
CA THR A 411 8.00 -18.21 3.60
C THR A 411 9.48 -18.56 3.60
N SER A 412 10.02 -18.80 2.42
CA SER A 412 11.43 -19.15 2.29
C SER A 412 11.86 -18.94 0.85
N PHE A 413 13.18 -18.88 0.66
CA PHE A 413 13.79 -18.89 -0.67
C PHE A 413 14.47 -20.22 -0.94
N ASP A 414 13.91 -21.32 -0.41
CA ASP A 414 14.57 -22.61 -0.52
C ASP A 414 14.45 -23.19 -1.92
N THR A 415 13.31 -23.00 -2.58
CA THR A 415 13.09 -23.52 -3.92
C THR A 415 12.63 -22.38 -4.83
N PHE A 416 12.65 -22.65 -6.14
CA PHE A 416 12.25 -21.62 -7.10
C PHE A 416 10.78 -21.28 -6.96
N GLY A 417 9.94 -22.26 -6.66
CA GLY A 417 8.53 -21.96 -6.44
C GLY A 417 8.30 -21.06 -5.24
N TRP A 418 8.95 -21.40 -4.12
CA TRP A 418 8.83 -20.56 -2.93
C TRP A 418 9.44 -19.19 -3.15
N ALA A 419 10.59 -19.14 -3.84
CA ALA A 419 11.20 -17.85 -4.14
C ALA A 419 10.29 -17.01 -5.03
N PHE A 420 9.62 -17.66 -5.99
CA PHE A 420 8.67 -16.95 -6.85
C PHE A 420 7.51 -16.40 -6.03
N LEU A 421 6.97 -17.19 -5.12
CA LEU A 421 5.89 -16.70 -4.27
C LEU A 421 6.35 -15.51 -3.44
N SER A 422 7.55 -15.59 -2.86
CA SER A 422 8.07 -14.50 -2.06
C SER A 422 8.29 -13.24 -2.90
N VAL A 423 8.81 -13.41 -4.11
CA VAL A 423 9.04 -12.26 -4.98
C VAL A 423 7.73 -11.60 -5.37
N PHE A 424 6.72 -12.40 -5.71
CA PHE A 424 5.42 -11.84 -6.04
C PHE A 424 4.81 -11.11 -4.83
N ARG A 425 4.93 -11.72 -3.65
CA ARG A 425 4.45 -11.07 -2.44
C ARG A 425 5.15 -9.73 -2.21
N LEU A 426 6.47 -9.70 -2.42
CA LEU A 426 7.22 -8.47 -2.25
C LEU A 426 6.79 -7.42 -3.27
N VAL A 427 6.54 -7.85 -4.52
CA VAL A 427 6.13 -6.91 -5.56
C VAL A 427 4.76 -6.32 -5.22
N THR A 428 3.85 -7.13 -4.70
CA THR A 428 2.51 -6.65 -4.38
C THR A 428 2.45 -5.86 -3.09
N LEU A 429 3.56 -5.76 -2.35
CA LEU A 429 3.59 -5.03 -1.08
C LEU A 429 2.56 -5.60 -0.09
N ASP A 430 2.44 -6.91 -0.06
CA ASP A 430 1.50 -7.61 0.81
C ASP A 430 2.27 -8.15 2.01
N TYR A 431 2.15 -7.47 3.15
CA TYR A 431 2.80 -7.91 4.38
C TYR A 431 4.31 -8.03 4.19
N TRP A 432 4.86 -7.21 3.28
CA TRP A 432 6.24 -7.37 2.85
C TRP A 432 7.24 -6.90 3.90
N GLU A 433 6.81 -6.14 4.90
CA GLU A 433 7.74 -5.76 5.95
C GLU A 433 8.23 -6.96 6.74
N ASP A 434 7.39 -7.99 6.88
CA ASP A 434 7.80 -9.19 7.60
C ASP A 434 8.91 -9.93 6.87
N LEU A 435 8.73 -10.17 5.57
CA LEU A 435 9.77 -10.82 4.78
C LEU A 435 11.01 -9.94 4.72
N TYR A 436 10.83 -8.64 4.57
CA TYR A 436 11.94 -7.70 4.54
C TYR A 436 12.78 -7.79 5.81
N GLN A 437 12.11 -7.79 6.97
CA GLN A 437 12.81 -7.86 8.24
C GLN A 437 13.45 -9.22 8.45
N LEU A 438 12.78 -10.30 8.07
CA LEU A 438 13.37 -11.62 8.22
C LEU A 438 14.63 -11.75 7.39
N ALA A 439 14.57 -11.31 6.13
CA ALA A 439 15.73 -11.39 5.24
C ALA A 439 16.88 -10.56 5.77
N LEU A 440 16.60 -9.34 6.22
CA LEU A 440 17.69 -8.48 6.69
C LEU A 440 18.23 -8.96 8.03
N ARG A 441 17.41 -9.63 8.85
CA ARG A 441 17.89 -10.17 10.10
C ARG A 441 18.72 -11.43 9.92
N SER A 442 18.43 -12.23 8.89
CA SER A 442 19.22 -13.43 8.66
C SER A 442 20.46 -13.17 7.82
N ALA A 443 20.42 -12.22 6.90
CA ALA A 443 21.48 -12.05 5.92
C ALA A 443 22.40 -10.88 6.23
N GLY A 444 21.86 -9.76 6.70
CA GLY A 444 22.63 -8.57 6.94
C GLY A 444 21.99 -7.35 6.31
N PRO A 445 22.25 -6.17 6.87
CA PRO A 445 21.58 -4.96 6.36
C PRO A 445 21.87 -4.65 4.91
N TRP A 446 23.04 -5.02 4.39
CA TRP A 446 23.40 -4.63 3.02
C TRP A 446 22.44 -5.23 2.00
N HIS A 447 21.88 -6.41 2.28
CA HIS A 447 20.93 -7.03 1.37
C HIS A 447 19.69 -6.16 1.16
N ILE A 448 19.54 -5.07 1.92
CA ILE A 448 18.49 -4.10 1.61
C ILE A 448 18.53 -3.74 0.13
N LEU A 449 19.73 -3.69 -0.46
CA LEU A 449 19.83 -3.33 -1.86
C LEU A 449 18.89 -4.17 -2.72
N PHE A 450 18.88 -5.48 -2.47
CA PHE A 450 17.98 -6.36 -3.21
C PHE A 450 16.55 -5.85 -3.15
N PHE A 451 16.06 -5.61 -1.94
CA PHE A 451 14.67 -5.17 -1.79
C PHE A 451 14.44 -3.82 -2.46
N ILE A 452 15.48 -2.98 -2.54
CA ILE A 452 15.32 -1.71 -3.23
C ILE A 452 15.02 -1.94 -4.69
N ILE A 453 15.71 -2.90 -5.31
CA ILE A 453 15.52 -3.13 -6.75
C ILE A 453 14.11 -3.63 -7.01
N VAL A 454 13.74 -4.74 -6.38
CA VAL A 454 12.45 -5.37 -6.64
C VAL A 454 11.32 -4.39 -6.35
N VAL A 455 11.43 -3.65 -5.24
CA VAL A 455 10.39 -2.67 -4.93
C VAL A 455 10.34 -1.59 -5.99
N PHE A 456 11.50 -1.11 -6.45
CA PHE A 456 11.49 -0.05 -7.45
C PHE A 456 11.01 -0.55 -8.80
N TYR A 457 11.54 -1.68 -9.24
CA TYR A 457 11.23 -2.22 -10.56
C TYR A 457 9.89 -2.93 -10.58
N GLY A 458 9.50 -3.58 -9.48
CA GLY A 458 8.28 -4.36 -9.44
C GLY A 458 7.05 -3.57 -9.07
N THR A 459 7.18 -2.68 -8.08
CA THR A 459 6.06 -1.90 -7.57
C THR A 459 5.89 -0.58 -8.31
N PHE A 460 6.93 0.24 -8.32
CA PHE A 460 6.84 1.58 -8.89
C PHE A 460 6.75 1.56 -10.42
N CYS A 461 7.01 0.42 -11.08
CA CYS A 461 7.05 0.40 -12.54
C CYS A 461 5.98 -0.51 -13.15
N PHE A 462 5.89 -1.78 -12.74
CA PHE A 462 4.98 -2.69 -13.44
C PHE A 462 3.53 -2.48 -13.02
N LEU A 463 3.27 -2.46 -11.71
CA LEU A 463 1.90 -2.22 -11.29
C LEU A 463 1.39 -0.92 -11.88
N ASN A 464 2.30 0.04 -12.07
CA ASN A 464 1.93 1.26 -12.79
C ASN A 464 1.66 0.98 -14.27
N PHE A 465 2.34 -0.01 -14.87
CA PHE A 465 2.02 -0.39 -16.24
C PHE A 465 0.61 -0.98 -16.32
N ILE A 466 0.25 -1.80 -15.35
CA ILE A 466 -1.10 -2.35 -15.31
C ILE A 466 -2.11 -1.22 -15.18
N LEU A 467 -1.82 -0.27 -14.29
CA LEU A 467 -2.71 0.86 -14.12
C LEU A 467 -2.85 1.66 -15.41
N ALA A 468 -1.74 1.86 -16.12
CA ALA A 468 -1.78 2.59 -17.38
C ALA A 468 -2.62 1.85 -18.42
N VAL A 469 -2.49 0.52 -18.48
CA VAL A 469 -3.28 -0.26 -19.42
C VAL A 469 -4.76 -0.13 -19.10
N VAL A 470 -5.11 -0.21 -17.81
CA VAL A 470 -6.51 -0.07 -17.42
C VAL A 470 -7.03 1.33 -17.75
N VAL A 471 -6.21 2.35 -17.52
CA VAL A 471 -6.60 3.72 -17.81
C VAL A 471 -6.85 3.89 -19.31
N MET A 472 -5.96 3.35 -20.15
CA MET A 472 -6.17 3.44 -21.58
C MET A 472 -7.43 2.71 -22.00
N SER A 473 -7.68 1.52 -21.44
CA SER A 473 -8.89 0.77 -21.82
C SER A 473 -10.14 1.56 -21.47
N TYR A 474 -10.21 2.08 -20.25
CA TYR A 474 -11.39 2.84 -19.86
C TYR A 474 -11.53 4.11 -20.69
N THR A 475 -10.42 4.79 -20.98
CA THR A 475 -10.48 6.00 -21.78
C THR A 475 -10.97 5.71 -23.19
N HIS A 476 -10.51 4.61 -23.79
CA HIS A 476 -11.00 4.23 -25.11
C HIS A 476 -12.49 3.95 -25.07
N MET A 477 -12.95 3.21 -24.06
CA MET A 477 -14.38 2.91 -23.98
C MET A 477 -15.21 4.18 -23.78
N VAL A 478 -14.76 5.10 -22.94
CA VAL A 478 -15.54 6.32 -22.70
C VAL A 478 -15.52 7.21 -23.94
N LYS A 479 -14.39 7.24 -24.66
CA LYS A 479 -14.36 8.00 -25.90
C LYS A 479 -15.35 7.44 -26.91
N ARG A 480 -15.39 6.11 -27.04
CA ARG A 480 -16.36 5.49 -27.93
C ARG A 480 -17.79 5.77 -27.47
N ALA A 481 -18.02 5.71 -26.16
CA ALA A 481 -19.36 5.96 -25.64
C ALA A 481 -19.80 7.39 -25.92
N ASP A 482 -18.92 8.36 -25.72
CA ASP A 482 -19.24 9.75 -26.01
C ASP A 482 -19.47 9.96 -27.50
N GLU A 483 -18.62 9.36 -28.35
CA GLU A 483 -18.78 9.53 -29.78
C GLU A 483 -20.09 8.95 -30.28
N GLU A 484 -20.46 7.77 -29.77
CA GLU A 484 -21.72 7.16 -30.18
C GLU A 484 -22.90 8.06 -29.82
N LYS A 485 -22.89 8.62 -28.62
CA LYS A 485 -23.96 9.51 -28.16
C LYS A 485 -25.31 8.81 -28.24
N VAL A 570 -35.20 39.66 5.07
CA VAL A 570 -34.61 39.21 6.32
C VAL A 570 -34.12 37.78 6.17
N VAL A 571 -35.05 36.84 6.12
CA VAL A 571 -34.69 35.43 6.03
C VAL A 571 -34.04 35.11 4.70
N LEU A 572 -34.22 35.97 3.70
CA LEU A 572 -33.67 35.78 2.35
C LEU A 572 -32.59 36.82 2.03
N SER A 573 -31.77 37.16 3.04
CA SER A 573 -30.72 38.14 2.88
C SER A 573 -29.37 37.48 3.19
N PRO A 574 -28.27 37.94 2.58
CA PRO A 574 -26.98 37.25 2.80
C PRO A 574 -26.57 37.18 4.26
N PHE A 575 -26.92 38.19 5.07
CA PHE A 575 -26.56 38.15 6.48
C PHE A 575 -27.19 36.93 7.16
N PHE A 576 -28.45 36.63 6.84
CA PHE A 576 -29.09 35.46 7.41
C PHE A 576 -28.41 34.18 6.94
N GLU A 577 -27.99 34.14 5.68
CA GLU A 577 -27.25 32.98 5.17
C GLU A 577 -25.96 32.77 5.95
N LEU A 578 -25.22 33.86 6.19
CA LEU A 578 -23.99 33.75 6.97
C LEU A 578 -24.28 33.31 8.41
N PHE A 579 -25.36 33.81 8.98
CA PHE A 579 -25.72 33.44 10.35
C PHE A 579 -26.00 31.94 10.44
N ILE A 580 -26.78 31.41 9.49
CA ILE A 580 -27.08 29.99 9.52
C ILE A 580 -25.82 29.19 9.23
N ALA A 581 -24.91 29.70 8.41
CA ALA A 581 -23.66 29.01 8.16
C ALA A 581 -22.85 28.88 9.44
N VAL A 582 -22.72 29.97 10.20
CA VAL A 582 -21.94 29.92 11.43
C VAL A 582 -22.63 29.03 12.46
N ILE A 583 -23.97 29.05 12.50
CA ILE A 583 -24.68 28.17 13.41
C ILE A 583 -24.41 26.71 13.04
N ILE A 584 -24.35 26.41 11.74
CA ILE A 584 -24.06 25.05 11.30
C ILE A 584 -22.66 24.64 11.73
N VAL A 585 -21.70 25.54 11.55
CA VAL A 585 -20.33 25.23 11.93
C VAL A 585 -20.23 24.99 13.44
N LEU A 586 -20.92 25.81 14.23
CA LEU A 586 -20.94 25.62 15.67
C LEU A 586 -21.55 24.28 16.03
N ASN A 587 -22.62 23.90 15.35
CA ASN A 587 -23.25 22.62 15.61
C ASN A 587 -22.33 21.46 15.28
N ILE A 588 -21.60 21.56 14.16
CA ILE A 588 -20.66 20.52 13.81
C ILE A 588 -19.58 20.41 14.87
N THR A 589 -19.09 21.56 15.35
CA THR A 589 -18.06 21.54 16.38
C THR A 589 -18.56 20.90 17.66
N PHE A 590 -19.78 21.23 18.09
CA PHE A 590 -20.31 20.61 19.30
C PHE A 590 -20.52 19.11 19.12
N MET A 591 -21.02 18.69 17.96
CA MET A 591 -21.15 17.26 17.69
C MET A 591 -19.79 16.57 17.77
N ALA A 592 -18.75 17.22 17.24
CA ALA A 592 -17.41 16.66 17.33
C ALA A 592 -16.87 16.68 18.75
N LEU A 593 -17.34 17.61 19.59
CA LEU A 593 -16.85 17.69 20.95
C LEU A 593 -17.35 16.58 21.85
N ASP A 594 -18.35 15.82 21.41
CA ASP A 594 -18.81 14.69 22.19
C ASP A 594 -17.72 13.63 22.28
N HIS A 595 -17.59 13.02 23.46
CA HIS A 595 -16.58 11.98 23.65
C HIS A 595 -16.92 11.20 24.91
N HIS A 596 -16.03 10.29 25.28
CA HIS A 596 -16.25 9.40 26.42
C HIS A 596 -15.74 10.02 27.72
N ASP A 597 -16.43 9.67 28.81
CA ASP A 597 -16.02 10.07 30.16
C ASP A 597 -15.95 11.59 30.27
N MET A 598 -17.10 12.23 30.11
CA MET A 598 -17.23 13.67 30.26
C MET A 598 -17.73 14.01 31.65
N ASN A 599 -17.73 15.30 31.96
CA ASN A 599 -18.32 15.83 33.18
C ASN A 599 -19.71 16.37 32.89
N ILE A 600 -20.48 16.59 33.95
CA ILE A 600 -21.89 16.94 33.79
C ILE A 600 -22.05 18.32 33.18
N GLU A 601 -21.18 19.27 33.54
CA GLU A 601 -21.30 20.60 32.96
C GLU A 601 -21.15 20.56 31.44
N PHE A 602 -20.19 19.75 30.96
CA PHE A 602 -19.90 19.69 29.53
C PHE A 602 -21.11 19.17 28.75
N GLU A 603 -21.70 18.06 29.20
CA GLU A 603 -22.84 17.53 28.45
C GLU A 603 -24.08 18.38 28.65
N ARG A 604 -24.23 19.05 29.79
CA ARG A 604 -25.34 19.98 29.90
C ARG A 604 -25.20 21.09 28.87
N ILE A 605 -23.98 21.62 28.71
CA ILE A 605 -23.73 22.60 27.67
C ILE A 605 -24.09 22.03 26.30
N LEU A 606 -23.64 20.81 26.03
CA LEU A 606 -23.82 20.24 24.70
C LEU A 606 -25.29 20.03 24.38
N ARG A 607 -26.05 19.49 25.34
CA ARG A 607 -27.48 19.27 25.11
C ARG A 607 -28.23 20.58 24.97
N THR A 608 -27.90 21.57 25.79
CA THR A 608 -28.53 22.88 25.64
C THR A 608 -28.23 23.47 24.28
N GLY A 609 -26.99 23.34 23.82
CA GLY A 609 -26.64 23.83 22.50
C GLY A 609 -27.40 23.11 21.39
N ASN A 610 -27.59 21.81 21.55
CA ASN A 610 -28.38 21.06 20.58
C ASN A 610 -29.81 21.56 20.53
N TYR A 611 -30.41 21.83 21.71
CA TYR A 611 -31.76 22.38 21.73
C TYR A 611 -31.81 23.74 21.04
N ILE A 612 -30.81 24.58 21.29
CA ILE A 612 -30.77 25.90 20.65
C ILE A 612 -30.65 25.76 19.15
N PHE A 613 -29.80 24.85 18.68
CA PHE A 613 -29.64 24.65 17.24
C PHE A 613 -30.94 24.17 16.60
N THR A 614 -31.64 23.24 17.25
CA THR A 614 -32.91 22.78 16.70
C THR A 614 -33.92 23.91 16.65
N SER A 615 -33.95 24.75 17.70
CA SER A 615 -34.87 25.90 17.69
C SER A 615 -34.54 26.85 16.55
N ILE A 616 -33.26 27.13 16.33
CA ILE A 616 -32.87 28.01 15.25
C ILE A 616 -33.28 27.42 13.90
N TYR A 617 -33.11 26.11 13.74
CA TYR A 617 -33.48 25.47 12.49
C TYR A 617 -34.99 25.56 12.24
N ILE A 618 -35.79 25.35 13.28
CA ILE A 618 -37.24 25.47 13.12
C ILE A 618 -37.62 26.90 12.74
N VAL A 619 -37.01 27.88 13.39
CA VAL A 619 -37.29 29.27 13.04
C VAL A 619 -36.91 29.55 11.59
N GLU A 620 -35.75 29.06 11.16
CA GLU A 620 -35.34 29.22 9.77
C GLU A 620 -36.37 28.64 8.82
N ALA A 621 -36.80 27.41 9.08
CA ALA A 621 -37.74 26.75 8.16
C ALA A 621 -39.06 27.50 8.10
N VAL A 622 -39.59 27.92 9.25
CA VAL A 622 -40.88 28.59 9.25
C VAL A 622 -40.79 29.96 8.58
N LEU A 623 -39.73 30.71 8.88
CA LEU A 623 -39.55 32.02 8.26
C LEU A 623 -39.41 31.89 6.75
N LYS A 624 -38.69 30.87 6.28
CA LYS A 624 -38.57 30.66 4.85
C LYS A 624 -39.91 30.30 4.22
N ILE A 625 -40.65 29.36 4.84
CA ILE A 625 -41.91 28.90 4.27
C ILE A 625 -42.90 30.05 4.20
N ILE A 626 -42.90 30.93 5.19
CA ILE A 626 -43.85 32.05 5.17
C ILE A 626 -43.40 33.12 4.19
N ALA A 627 -42.13 33.54 4.28
CA ALA A 627 -41.64 34.58 3.38
C ALA A 627 -41.72 34.14 1.94
N LEU A 628 -41.27 32.92 1.64
CA LEU A 628 -41.32 32.37 0.30
C LEU A 628 -42.45 31.34 0.23
N SER A 629 -43.29 31.45 -0.78
CA SER A 629 -44.55 30.71 -0.79
C SER A 629 -44.26 29.21 -0.68
N PRO A 630 -45.09 28.47 0.06
CA PRO A 630 -44.80 27.04 0.26
C PRO A 630 -44.57 26.25 -1.03
N LYS A 631 -45.29 26.58 -2.10
CA LYS A 631 -45.15 25.82 -3.33
C LYS A 631 -43.73 25.93 -3.89
N PHE A 632 -43.15 27.13 -3.89
CA PHE A 632 -41.80 27.31 -4.37
C PHE A 632 -40.76 26.83 -3.39
N TYR A 633 -41.03 26.90 -2.09
CA TYR A 633 -40.02 26.58 -1.09
C TYR A 633 -39.56 25.14 -1.23
N PHE A 634 -40.50 24.21 -1.37
CA PHE A 634 -40.16 22.80 -1.49
C PHE A 634 -39.58 22.44 -2.86
N LYS A 635 -39.68 23.34 -3.84
CA LYS A 635 -39.08 23.06 -5.14
C LYS A 635 -37.57 22.93 -5.06
N ASP A 636 -36.92 23.82 -4.29
CA ASP A 636 -35.47 23.77 -4.17
C ASP A 636 -35.04 22.51 -3.42
N SER A 637 -34.00 21.86 -3.93
CA SER A 637 -33.49 20.64 -3.30
C SER A 637 -32.92 20.92 -1.91
N TRP A 638 -32.17 22.01 -1.77
CA TRP A 638 -31.59 22.32 -0.46
C TRP A 638 -32.67 22.65 0.56
N ASN A 639 -33.76 23.28 0.13
CA ASN A 639 -34.85 23.56 1.06
C ASN A 639 -35.48 22.27 1.57
N VAL A 640 -35.71 21.28 0.70
CA VAL A 640 -36.29 20.04 1.15
C VAL A 640 -35.32 19.28 2.05
N PHE A 641 -34.03 19.36 1.75
CA PHE A 641 -33.05 18.77 2.68
C PHE A 641 -33.14 19.44 4.05
N ASP A 642 -33.27 20.76 4.08
CA ASP A 642 -33.41 21.48 5.34
C ASP A 642 -34.67 21.04 6.07
N PHE A 643 -35.77 20.86 5.35
CA PHE A 643 -37.02 20.46 5.96
C PHE A 643 -36.93 19.04 6.52
N ILE A 644 -36.23 18.15 5.82
CA ILE A 644 -35.98 16.81 6.33
C ILE A 644 -35.20 16.88 7.64
N ILE A 645 -34.19 17.75 7.68
CA ILE A 645 -33.42 17.93 8.91
C ILE A 645 -34.33 18.42 10.03
N VAL A 646 -35.20 19.37 9.74
CA VAL A 646 -36.11 19.90 10.77
C VAL A 646 -37.03 18.80 11.28
N VAL A 647 -37.58 17.99 10.38
CA VAL A 647 -38.46 16.90 10.81
C VAL A 647 -37.71 15.92 11.68
N PHE A 648 -36.49 15.56 11.28
CA PHE A 648 -35.73 14.61 12.08
C PHE A 648 -35.39 15.19 13.45
N ALA A 649 -35.13 16.50 13.52
CA ALA A 649 -34.84 17.13 14.80
C ALA A 649 -36.06 17.14 15.71
N ILE A 650 -37.22 17.49 15.16
CA ILE A 650 -38.43 17.54 15.98
C ILE A 650 -38.77 16.14 16.47
N LEU A 651 -38.59 15.12 15.63
CA LEU A 651 -38.79 13.75 16.08
C LEU A 651 -37.77 13.37 17.15
N GLU A 652 -36.51 13.78 16.97
CA GLU A 652 -35.46 13.39 17.90
C GLU A 652 -35.74 13.94 19.29
N LEU A 653 -36.12 15.22 19.38
CA LEU A 653 -36.45 15.78 20.68
C LEU A 653 -37.83 15.34 21.15
N GLY A 654 -38.67 14.84 20.25
CA GLY A 654 -39.91 14.20 20.67
C GLY A 654 -39.67 12.91 21.43
N LEU A 655 -38.70 12.12 20.97
CA LEU A 655 -38.34 10.88 21.64
C LEU A 655 -37.06 11.06 22.43
N VAL A 663 -32.80 4.45 17.06
CA VAL A 663 -32.34 5.70 17.66
C VAL A 663 -32.21 6.76 16.56
N PHE A 664 -32.96 7.85 16.71
CA PHE A 664 -32.99 8.90 15.70
C PHE A 664 -31.84 9.88 15.82
N ARG A 665 -31.02 9.75 16.85
CA ARG A 665 -29.92 10.68 17.05
C ARG A 665 -28.77 10.42 16.09
N SER A 666 -28.76 9.26 15.43
CA SER A 666 -27.83 9.04 14.32
C SER A 666 -28.11 10.00 13.17
N PHE A 667 -29.39 10.22 12.86
CA PHE A 667 -29.74 11.10 11.75
C PHE A 667 -29.24 12.52 11.95
N ARG A 668 -28.91 12.89 13.19
CA ARG A 668 -28.28 14.18 13.43
C ARG A 668 -27.10 14.41 12.50
N LEU A 669 -26.38 13.35 12.14
CA LEU A 669 -25.19 13.53 11.30
C LEU A 669 -25.52 14.27 10.02
N LEU A 670 -26.75 14.12 9.51
CA LEU A 670 -27.09 14.76 8.25
C LEU A 670 -26.82 16.26 8.28
N ARG A 671 -26.92 16.88 9.46
CA ARG A 671 -26.73 18.33 9.55
C ARG A 671 -25.39 18.74 8.96
N VAL A 672 -24.36 17.90 9.10
CA VAL A 672 -23.03 18.30 8.63
C VAL A 672 -23.07 18.60 7.14
N PHE A 673 -23.82 17.80 6.38
CA PHE A 673 -23.84 17.98 4.93
C PHE A 673 -24.45 19.31 4.54
N ARG A 674 -25.18 19.97 5.44
CA ARG A 674 -25.68 21.30 5.14
C ARG A 674 -24.56 22.25 4.81
N LEU A 675 -23.36 22.00 5.33
CA LEU A 675 -22.24 22.88 5.06
C LEU A 675 -21.85 22.89 3.58
N ALA A 676 -22.28 21.88 2.82
CA ALA A 676 -21.92 21.82 1.41
C ALA A 676 -22.45 23.01 0.64
N LYS A 677 -23.62 23.54 1.03
CA LYS A 677 -24.15 24.73 0.37
C LYS A 677 -23.17 25.90 0.44
N PHE A 678 -22.42 26.02 1.53
CA PHE A 678 -21.59 27.20 1.78
C PHE A 678 -20.12 26.99 1.47
N TRP A 679 -19.65 25.75 1.31
CA TRP A 679 -18.24 25.50 1.04
C TRP A 679 -18.08 25.28 -0.47
N PRO A 680 -17.49 26.23 -1.20
CA PRO A 680 -17.41 26.05 -2.65
C PRO A 680 -16.72 24.78 -3.11
N THR A 681 -15.54 24.47 -2.57
CA THR A 681 -14.80 23.30 -3.05
C THR A 681 -15.57 22.02 -2.78
N LEU A 682 -16.12 21.87 -1.58
CA LEU A 682 -16.90 20.68 -1.27
C LEU A 682 -18.13 20.60 -2.16
N ASN A 683 -18.76 21.75 -2.43
CA ASN A 683 -19.91 21.79 -3.31
C ASN A 683 -19.55 21.30 -4.71
N ASN A 684 -18.40 21.74 -5.23
CA ASN A 684 -17.96 21.29 -6.55
C ASN A 684 -17.64 19.81 -6.55
N PHE A 685 -17.04 19.32 -5.47
CA PHE A 685 -16.77 17.89 -5.36
C PHE A 685 -18.07 17.09 -5.43
N MET A 686 -19.07 17.51 -4.66
CA MET A 686 -20.35 16.79 -4.66
C MET A 686 -21.05 16.91 -6.00
N SER A 687 -20.96 18.07 -6.65
CA SER A 687 -21.57 18.23 -7.97
C SER A 687 -20.91 17.32 -8.99
N VAL A 688 -19.58 17.21 -8.94
CA VAL A 688 -18.89 16.28 -9.83
C VAL A 688 -19.35 14.85 -9.58
N MET A 689 -19.44 14.46 -8.31
CA MET A 689 -19.88 13.10 -8.01
C MET A 689 -21.29 12.85 -8.53
N THR A 690 -22.18 13.82 -8.35
CA THR A 690 -23.55 13.63 -8.83
C THR A 690 -23.61 13.61 -10.35
N LYS A 691 -22.68 14.30 -11.02
CA LYS A 691 -22.71 14.35 -12.48
C LYS A 691 -22.56 12.96 -13.10
N SER A 692 -21.65 12.16 -12.57
CA SER A 692 -21.27 10.90 -13.19
C SER A 692 -21.49 9.71 -12.25
N TYR A 693 -22.64 9.70 -11.59
CA TYR A 693 -22.94 8.62 -10.65
C TYR A 693 -23.11 7.28 -11.35
N GLY A 694 -23.53 7.28 -12.62
CA GLY A 694 -23.82 6.03 -13.30
C GLY A 694 -22.61 5.12 -13.42
N ALA A 695 -21.48 5.68 -13.87
CA ALA A 695 -20.27 4.90 -13.99
C ALA A 695 -19.80 4.40 -12.63
N PHE A 696 -19.89 5.25 -11.61
CA PHE A 696 -19.44 4.85 -10.28
C PHE A 696 -20.29 3.70 -9.74
N VAL A 697 -21.60 3.78 -9.92
CA VAL A 697 -22.47 2.71 -9.43
C VAL A 697 -22.22 1.43 -10.22
N ASN A 698 -21.97 1.54 -11.53
CA ASN A 698 -21.67 0.34 -12.31
C ASN A 698 -20.39 -0.33 -11.80
N VAL A 699 -19.34 0.47 -11.57
CA VAL A 699 -18.09 -0.11 -11.11
C VAL A 699 -18.25 -0.72 -9.72
N MET A 700 -18.94 -0.03 -8.82
CA MET A 700 -19.14 -0.56 -7.48
C MET A 700 -19.96 -1.84 -7.52
N TYR A 701 -20.98 -1.90 -8.38
CA TYR A 701 -21.78 -3.10 -8.50
C TYR A 701 -20.95 -4.26 -9.03
N VAL A 702 -20.11 -4.01 -10.03
CA VAL A 702 -19.25 -5.06 -10.56
C VAL A 702 -18.30 -5.55 -9.47
N MET A 703 -17.73 -4.62 -8.71
CA MET A 703 -16.83 -5.00 -7.62
C MET A 703 -17.53 -5.90 -6.61
N PHE A 704 -18.73 -5.50 -6.19
CA PHE A 704 -19.42 -6.27 -5.16
C PHE A 704 -19.94 -7.60 -5.70
N LEU A 705 -20.31 -7.64 -6.98
CA LEU A 705 -20.72 -8.90 -7.59
C LEU A 705 -19.55 -9.87 -7.67
N LEU A 706 -18.37 -9.38 -8.07
CA LEU A 706 -17.20 -10.23 -8.10
C LEU A 706 -16.84 -10.71 -6.69
N LEU A 707 -16.96 -9.83 -5.70
CA LEU A 707 -16.69 -10.23 -4.33
C LEU A 707 -17.68 -11.30 -3.88
N PHE A 708 -18.96 -11.14 -4.24
CA PHE A 708 -19.96 -12.14 -3.89
C PHE A 708 -19.65 -13.49 -4.53
N ILE A 709 -19.26 -13.48 -5.81
CA ILE A 709 -18.95 -14.72 -6.51
C ILE A 709 -17.75 -15.40 -5.84
N PHE A 710 -16.72 -14.63 -5.53
CA PHE A 710 -15.53 -15.21 -4.92
C PHE A 710 -15.83 -15.71 -3.51
N ALA A 711 -16.68 -15.00 -2.77
CA ALA A 711 -17.05 -15.43 -1.43
C ALA A 711 -17.82 -16.74 -1.47
N ILE A 712 -18.76 -16.87 -2.42
CA ILE A 712 -19.51 -18.13 -2.52
C ILE A 712 -18.56 -19.26 -2.89
N ILE A 713 -17.67 -19.03 -3.86
CA ILE A 713 -16.76 -20.09 -4.29
C ILE A 713 -15.84 -20.50 -3.15
N GLY A 714 -15.30 -19.53 -2.42
CA GLY A 714 -14.43 -19.86 -1.29
C GLY A 714 -15.18 -20.55 -0.17
N MET A 715 -16.40 -20.12 0.10
CA MET A 715 -17.22 -20.77 1.11
C MET A 715 -17.43 -22.24 0.76
N GLN A 716 -17.66 -22.53 -0.52
CA GLN A 716 -17.87 -23.92 -0.92
C GLN A 716 -16.58 -24.73 -0.90
N LEU A 717 -15.48 -24.15 -1.39
CA LEU A 717 -14.24 -24.90 -1.51
C LEU A 717 -13.57 -25.14 -0.16
N PHE A 718 -13.50 -24.11 0.68
CA PHE A 718 -12.74 -24.16 1.93
C PHE A 718 -13.64 -24.13 3.16
N GLY A 719 -14.95 -24.31 3.00
CA GLY A 719 -15.84 -24.17 4.14
C GLY A 719 -15.60 -25.21 5.22
N MET A 720 -15.47 -26.48 4.82
CA MET A 720 -15.40 -27.56 5.80
C MET A 720 -14.01 -27.74 6.37
N ASN A 721 -12.97 -27.35 5.63
CA ASN A 721 -11.60 -27.62 6.07
C ASN A 721 -11.28 -26.88 7.36
N TYR A 722 -11.77 -25.65 7.50
CA TYR A 722 -11.50 -24.89 8.71
C TYR A 722 -12.04 -25.59 9.95
N ILE A 723 -13.11 -26.36 9.80
CA ILE A 723 -13.71 -27.05 10.94
C ILE A 723 -13.10 -28.44 11.12
N ASP A 724 -12.88 -29.16 10.01
CA ASP A 724 -12.35 -30.51 10.10
C ASP A 724 -10.96 -30.50 10.69
N ASN A 725 -10.11 -29.57 10.27
CA ASN A 725 -8.72 -29.50 10.67
C ASN A 725 -8.42 -28.29 11.54
N MET A 726 -9.31 -27.96 12.48
CA MET A 726 -8.99 -26.89 13.42
C MET A 726 -7.70 -27.17 14.17
N GLU A 727 -7.42 -28.44 14.47
CA GLU A 727 -6.28 -28.77 15.30
C GLU A 727 -4.98 -28.26 14.70
N ARG A 728 -4.90 -28.13 13.37
CA ARG A 728 -3.69 -27.65 12.74
C ARG A 728 -3.40 -26.20 13.06
N PHE A 729 -4.42 -25.43 13.46
CA PHE A 729 -4.23 -24.05 13.82
C PHE A 729 -3.42 -23.95 15.11
N PRO A 730 -2.81 -22.78 15.37
CA PRO A 730 -1.87 -22.71 16.51
C PRO A 730 -2.45 -23.15 17.84
N ASP A 731 -3.71 -22.84 18.12
CA ASP A 731 -4.35 -23.26 19.37
C ASP A 731 -5.54 -24.18 19.12
N GLY A 732 -5.69 -24.72 17.92
CA GLY A 732 -6.87 -25.47 17.59
C GLY A 732 -8.14 -24.65 17.57
N ASP A 733 -8.02 -23.33 17.61
CA ASP A 733 -9.16 -22.43 17.64
C ASP A 733 -9.36 -21.82 16.26
N LEU A 734 -10.62 -21.61 15.91
CA LEU A 734 -10.93 -21.07 14.61
C LEU A 734 -10.37 -19.65 14.49
N PRO A 735 -9.64 -19.32 13.43
CA PRO A 735 -9.12 -17.96 13.29
C PRO A 735 -10.22 -16.96 12.99
N ARG A 736 -9.93 -15.70 13.27
CA ARG A 736 -10.94 -14.65 13.13
C ARG A 736 -11.37 -14.49 11.69
N TRP A 737 -10.50 -14.80 10.73
CA TRP A 737 -10.82 -14.75 9.32
C TRP A 737 -10.85 -16.18 8.76
N ASN A 738 -11.98 -16.58 8.21
CA ASN A 738 -12.20 -17.94 7.77
C ASN A 738 -13.20 -17.95 6.63
N PHE A 739 -13.65 -19.15 6.27
CA PHE A 739 -14.69 -19.36 5.26
C PHE A 739 -15.88 -20.11 5.85
N THR A 740 -16.06 -20.03 7.17
CA THR A 740 -17.08 -20.86 7.82
C THR A 740 -18.49 -20.47 7.39
N ASP A 741 -18.77 -19.17 7.31
CA ASP A 741 -20.07 -18.68 6.89
C ASP A 741 -19.89 -17.66 5.76
N PHE A 742 -21.02 -17.19 5.22
CA PHE A 742 -20.95 -16.27 4.09
C PHE A 742 -20.34 -14.93 4.50
N LEU A 743 -20.66 -14.45 5.69
CA LEU A 743 -20.15 -13.15 6.12
C LEU A 743 -18.63 -13.16 6.22
N HIS A 744 -18.08 -14.20 6.84
CA HIS A 744 -16.62 -14.28 6.96
C HIS A 744 -15.95 -14.48 5.61
N SER A 745 -16.58 -15.25 4.71
CA SER A 745 -16.03 -15.41 3.37
C SER A 745 -15.98 -14.08 2.65
N PHE A 746 -17.05 -13.29 2.75
CA PHE A 746 -17.04 -11.98 2.12
C PHE A 746 -15.97 -11.09 2.73
N MET A 747 -15.81 -11.14 4.06
CA MET A 747 -14.80 -10.30 4.70
C MET A 747 -13.39 -10.67 4.25
N ILE A 748 -13.12 -11.97 4.16
CA ILE A 748 -11.77 -12.38 3.75
C ILE A 748 -11.51 -12.02 2.30
N VAL A 749 -12.52 -12.18 1.43
CA VAL A 749 -12.31 -11.84 0.02
C VAL A 749 -12.15 -10.32 -0.12
N PHE A 750 -12.91 -9.55 0.64
CA PHE A 750 -12.77 -8.09 0.60
C PHE A 750 -11.42 -7.66 1.13
N ARG A 751 -10.91 -8.33 2.16
CA ARG A 751 -9.57 -8.05 2.65
C ARG A 751 -8.53 -8.32 1.58
N ALA A 752 -8.68 -9.43 0.85
CA ALA A 752 -7.77 -9.71 -0.25
C ALA A 752 -7.87 -8.64 -1.33
N LEU A 753 -9.08 -8.19 -1.66
CA LEU A 753 -9.26 -7.13 -2.63
C LEU A 753 -8.62 -5.83 -2.15
N CYS A 754 -8.57 -5.61 -0.84
CA CYS A 754 -7.88 -4.44 -0.31
C CYS A 754 -6.37 -4.57 -0.48
N GLY A 755 -5.85 -5.80 -0.49
CA GLY A 755 -4.44 -6.02 -0.76
C GLY A 755 -3.78 -7.05 0.14
N GLU A 756 -4.48 -7.55 1.14
CA GLU A 756 -3.93 -8.51 2.10
C GLU A 756 -4.47 -9.90 1.74
N TRP A 757 -3.63 -10.71 1.09
CA TRP A 757 -4.01 -12.05 0.67
C TRP A 757 -3.04 -13.15 1.11
N ILE A 758 -1.83 -12.82 1.54
CA ILE A 758 -0.82 -13.84 1.80
C ILE A 758 -1.15 -14.60 3.09
N GLU A 759 -1.60 -13.89 4.13
CA GLU A 759 -1.87 -14.53 5.42
C GLU A 759 -3.10 -15.42 5.36
N SER A 760 -4.16 -14.94 4.69
CA SER A 760 -5.33 -15.79 4.48
C SER A 760 -4.95 -17.03 3.69
N MET A 761 -4.09 -16.88 2.69
CA MET A 761 -3.62 -18.02 1.93
C MET A 761 -2.82 -18.97 2.82
N TRP A 762 -2.06 -18.44 3.77
CA TRP A 762 -1.32 -19.31 4.69
C TRP A 762 -2.26 -20.17 5.51
N ASP A 763 -3.29 -19.54 6.09
CA ASP A 763 -4.25 -20.32 6.86
C ASP A 763 -4.98 -21.34 5.98
N CYS A 764 -5.37 -20.93 4.77
CA CYS A 764 -6.04 -21.82 3.85
C CYS A 764 -5.19 -23.03 3.51
N MET A 765 -3.89 -22.81 3.24
CA MET A 765 -3.00 -23.92 2.95
C MET A 765 -2.82 -24.80 4.17
N LEU A 766 -2.76 -24.20 5.35
CA LEU A 766 -2.62 -24.98 6.57
C LEU A 766 -3.76 -25.97 6.70
N VAL A 767 -5.00 -25.55 6.42
CA VAL A 767 -6.13 -26.46 6.51
C VAL A 767 -6.50 -27.07 5.16
N GLY A 768 -6.13 -26.45 4.05
CA GLY A 768 -6.55 -26.92 2.75
C GLY A 768 -5.44 -27.57 1.94
N ASP A 769 -5.34 -27.20 0.67
CA ASP A 769 -4.39 -27.80 -0.26
C ASP A 769 -3.89 -26.73 -1.21
N TRP A 770 -3.26 -27.17 -2.30
CA TRP A 770 -2.70 -26.25 -3.29
C TRP A 770 -3.74 -25.28 -3.84
N SER A 771 -5.01 -25.69 -3.88
CA SER A 771 -6.04 -24.88 -4.54
C SER A 771 -6.18 -23.51 -3.92
N CYS A 772 -5.72 -23.32 -2.68
CA CYS A 772 -5.79 -22.01 -2.04
C CYS A 772 -4.93 -20.98 -2.76
N ILE A 773 -3.83 -21.40 -3.36
CA ILE A 773 -2.88 -20.47 -3.98
C ILE A 773 -3.51 -19.83 -5.21
N PRO A 774 -4.00 -20.60 -6.19
CA PRO A 774 -4.61 -19.95 -7.36
C PRO A 774 -5.81 -19.08 -7.01
N PHE A 775 -6.59 -19.48 -6.01
CA PHE A 775 -7.77 -18.75 -5.62
C PHE A 775 -7.39 -17.36 -5.12
N PHE A 776 -6.71 -17.30 -3.97
CA PHE A 776 -6.36 -16.02 -3.37
C PHE A 776 -5.63 -15.14 -4.38
N VAL A 777 -4.63 -15.71 -5.05
CA VAL A 777 -3.86 -14.94 -6.03
C VAL A 777 -4.79 -14.41 -7.10
N ALA A 778 -5.70 -15.25 -7.61
CA ALA A 778 -6.66 -14.78 -8.60
C ALA A 778 -7.46 -13.61 -8.04
N VAL A 779 -7.97 -13.77 -6.82
CA VAL A 779 -8.75 -12.69 -6.22
C VAL A 779 -7.96 -11.40 -6.24
N PHE A 780 -6.64 -11.50 -6.08
CA PHE A 780 -5.83 -10.29 -6.02
C PHE A 780 -5.75 -9.61 -7.38
N PHE A 781 -5.58 -10.38 -8.46
CA PHE A 781 -5.52 -9.77 -9.78
C PHE A 781 -6.84 -9.10 -10.13
N VAL A 782 -7.94 -9.84 -10.03
CA VAL A 782 -9.22 -9.31 -10.53
C VAL A 782 -9.64 -8.10 -9.72
N GLY A 783 -9.53 -8.18 -8.39
CA GLY A 783 -10.02 -7.11 -7.54
C GLY A 783 -9.07 -5.93 -7.41
N ASN A 784 -7.81 -6.20 -7.10
CA ASN A 784 -6.88 -5.12 -6.79
C ASN A 784 -6.30 -4.49 -8.05
N LEU A 785 -5.82 -5.31 -8.99
CA LEU A 785 -5.07 -4.80 -10.12
C LEU A 785 -5.93 -4.47 -11.34
N VAL A 786 -7.21 -4.81 -11.32
CA VAL A 786 -8.11 -4.54 -12.44
C VAL A 786 -9.27 -3.65 -12.02
N ILE A 787 -9.99 -4.05 -10.96
CA ILE A 787 -11.19 -3.31 -10.57
C ILE A 787 -10.83 -2.01 -9.86
N LEU A 788 -9.90 -2.07 -8.90
CA LEU A 788 -9.52 -0.84 -8.20
C LEU A 788 -8.77 0.11 -9.13
N ASN A 789 -7.97 -0.44 -10.04
CA ASN A 789 -7.35 0.40 -11.06
C ASN A 789 -8.41 1.03 -11.96
N LEU A 790 -9.49 0.30 -12.24
CA LEU A 790 -10.57 0.87 -13.03
C LEU A 790 -11.27 2.00 -12.28
N LEU A 791 -11.46 1.83 -10.96
CA LEU A 791 -12.03 2.91 -10.16
C LEU A 791 -11.11 4.13 -10.18
N ILE A 792 -9.80 3.90 -10.11
CA ILE A 792 -8.83 4.99 -10.26
C ILE A 792 -8.98 5.66 -11.61
N ALA A 793 -9.19 4.86 -12.66
CA ALA A 793 -9.35 5.42 -14.01
C ALA A 793 -10.60 6.30 -14.09
N LEU A 794 -11.68 5.87 -13.46
CA LEU A 794 -12.87 6.73 -13.39
C LEU A 794 -12.55 8.03 -12.66
N LEU A 795 -11.86 7.93 -11.53
CA LEU A 795 -11.53 9.12 -10.77
C LEU A 795 -10.68 10.08 -11.60
N LEU A 796 -9.77 9.54 -12.40
CA LEU A 796 -8.94 10.36 -13.26
C LEU A 796 -9.77 11.01 -14.37
N ASN A 797 -10.67 10.24 -14.97
CA ASN A 797 -11.46 10.78 -16.07
C ASN A 797 -12.38 11.90 -15.60
N ASN A 798 -12.96 11.77 -14.40
CA ASN A 798 -13.91 12.77 -13.94
C ASN A 798 -13.26 13.91 -13.17
N TYR A 799 -12.33 13.61 -12.27
CA TYR A 799 -11.65 14.65 -11.50
C TYR A 799 -10.32 15.01 -12.17
N GLY A 800 -10.42 15.47 -13.41
CA GLY A 800 -9.25 15.84 -14.17
C GLY A 800 -9.57 16.02 -15.65
N TRP A 897 31.12 52.41 -1.91
CA TRP A 897 30.03 51.47 -1.73
C TRP A 897 29.78 50.71 -3.03
N SER A 898 29.99 51.39 -4.14
CA SER A 898 29.81 50.75 -5.44
C SER A 898 30.79 49.60 -5.61
N ASN A 899 32.04 49.81 -5.21
CA ASN A 899 33.05 48.77 -5.35
C ASN A 899 32.61 47.48 -4.65
N ILE A 900 32.11 47.60 -3.43
CA ILE A 900 31.78 46.41 -2.64
C ILE A 900 30.63 45.65 -3.28
N ARG A 901 29.57 46.37 -3.64
CA ARG A 901 28.43 45.71 -4.26
C ARG A 901 28.82 45.07 -5.57
N ARG A 902 29.66 45.73 -6.35
CA ARG A 902 30.10 45.18 -7.62
C ARG A 902 30.85 43.87 -7.41
N VAL A 903 31.82 43.88 -6.49
CA VAL A 903 32.58 42.66 -6.22
C VAL A 903 31.66 41.54 -5.75
N CYS A 904 30.69 41.89 -4.90
CA CYS A 904 29.83 40.85 -4.33
C CYS A 904 28.90 40.28 -5.38
N PHE A 905 28.40 41.11 -6.29
CA PHE A 905 27.58 40.58 -7.38
C PHE A 905 28.40 39.66 -8.28
N LEU A 906 29.61 40.10 -8.64
CA LEU A 906 30.47 39.26 -9.46
C LEU A 906 30.74 37.93 -8.78
N LEU A 907 30.99 37.96 -7.47
CA LEU A 907 31.29 36.74 -6.75
C LEU A 907 30.06 35.87 -6.55
N ALA A 908 28.88 36.49 -6.50
CA ALA A 908 27.64 35.72 -6.35
C ALA A 908 27.30 34.98 -7.63
N LYS A 909 27.42 35.65 -8.79
CA LYS A 909 27.09 34.99 -10.04
C LYS A 909 28.12 33.96 -10.47
N ASN A 910 29.29 33.94 -9.82
CA ASN A 910 30.37 33.08 -10.26
C ASN A 910 30.03 31.60 -10.06
N LYS A 911 30.44 30.78 -11.03
CA LYS A 911 30.11 29.36 -11.00
C LYS A 911 30.88 28.63 -9.91
N TYR A 912 32.19 28.91 -9.80
CA TYR A 912 33.02 28.21 -8.83
C TYR A 912 32.51 28.46 -7.42
N PHE A 913 32.08 29.69 -7.13
CA PHE A 913 31.59 30.01 -5.79
C PHE A 913 30.34 29.20 -5.45
N GLN A 914 29.43 29.08 -6.42
CA GLN A 914 28.20 28.32 -6.18
C GLN A 914 28.49 26.84 -6.00
N LYS A 915 29.38 26.28 -6.82
CA LYS A 915 29.77 24.89 -6.64
C LYS A 915 30.43 24.69 -5.27
N PHE A 916 31.27 25.63 -4.86
CA PHE A 916 31.92 25.53 -3.56
C PHE A 916 30.89 25.54 -2.43
N VAL A 917 29.90 26.42 -2.52
CA VAL A 917 28.88 26.48 -1.48
C VAL A 917 28.11 25.17 -1.42
N THR A 918 27.74 24.63 -2.59
CA THR A 918 27.02 23.37 -2.62
C THR A 918 27.85 22.25 -2.00
N ALA A 919 29.15 22.21 -2.33
CA ALA A 919 30.02 21.18 -1.77
C ALA A 919 30.14 21.29 -0.27
N VAL A 920 30.28 22.52 0.25
CA VAL A 920 30.36 22.72 1.68
C VAL A 920 29.09 22.23 2.36
N LEU A 921 27.94 22.60 1.80
CA LEU A 921 26.67 22.18 2.36
C LEU A 921 26.53 20.67 2.36
N VAL A 922 26.92 20.03 1.26
CA VAL A 922 26.73 18.58 1.15
C VAL A 922 27.67 17.85 2.10
N ILE A 923 28.91 18.31 2.22
CA ILE A 923 29.87 17.67 3.12
C ILE A 923 29.38 17.78 4.56
N THR A 924 28.96 18.97 4.97
CA THR A 924 28.52 19.13 6.36
C THR A 924 27.23 18.35 6.62
N SER A 925 26.32 18.31 5.65
CA SER A 925 25.10 17.52 5.81
C SER A 925 25.42 16.03 5.96
N VAL A 926 26.34 15.52 5.14
CA VAL A 926 26.73 14.11 5.26
C VAL A 926 27.36 13.85 6.61
N LEU A 927 28.26 14.74 7.05
CA LEU A 927 28.85 14.61 8.37
C LEU A 927 27.76 14.53 9.44
N LEU A 928 26.68 15.28 9.26
CA LEU A 928 25.62 15.28 10.25
C LEU A 928 24.99 13.91 10.45
N ALA A 929 25.14 13.00 9.48
CA ALA A 929 24.57 11.65 9.61
C ALA A 929 25.42 10.73 10.46
N LEU A 930 26.62 11.15 10.86
CA LEU A 930 27.48 10.36 11.73
C LEU A 930 27.13 10.53 13.20
N GLU A 931 26.17 11.39 13.53
CA GLU A 931 25.84 11.69 14.92
C GLU A 931 24.83 10.66 15.42
N ASP A 932 25.36 9.51 15.84
CA ASP A 932 24.56 8.38 16.26
C ASP A 932 24.73 8.11 17.75
N ILE A 933 24.13 7.02 18.21
CA ILE A 933 24.14 6.69 19.63
C ILE A 933 25.56 6.45 20.14
N TYR A 934 26.52 6.22 19.24
CA TYR A 934 27.90 5.99 19.61
C TYR A 934 28.76 7.24 19.52
N LEU A 935 28.18 8.39 19.17
CA LEU A 935 28.97 9.61 19.05
C LEU A 935 29.72 9.95 20.34
N PRO A 936 29.10 9.86 21.53
CA PRO A 936 29.84 10.21 22.74
C PRO A 936 31.10 9.40 22.96
N GLN A 937 31.14 8.15 22.48
CA GLN A 937 32.31 7.30 22.64
C GLN A 937 33.41 7.59 21.63
N ARG A 938 33.23 8.59 20.76
CA ARG A 938 34.25 8.99 19.80
C ARG A 938 34.59 10.46 20.05
N PRO A 939 35.53 10.74 20.95
CA PRO A 939 35.87 12.14 21.22
C PRO A 939 36.32 12.92 19.99
N VAL A 940 37.06 12.28 19.09
CA VAL A 940 37.54 12.97 17.89
C VAL A 940 36.36 13.41 17.03
N LEU A 941 35.37 12.54 16.87
CA LEU A 941 34.19 12.91 16.10
C LEU A 941 33.45 14.06 16.76
N VAL A 942 33.41 14.08 18.10
CA VAL A 942 32.76 15.18 18.81
C VAL A 942 33.48 16.49 18.55
N ASN A 943 34.81 16.47 18.59
CA ASN A 943 35.58 17.68 18.32
C ASN A 943 35.37 18.16 16.90
N ILE A 944 35.36 17.22 15.94
CA ILE A 944 35.12 17.60 14.55
C ILE A 944 33.75 18.24 14.42
N THR A 945 32.74 17.65 15.08
CA THR A 945 31.39 18.21 15.01
C THR A 945 31.35 19.63 15.57
N LEU A 946 31.97 19.85 16.72
CA LEU A 946 31.92 21.17 17.35
C LEU A 946 32.61 22.22 16.48
N TYR A 947 33.80 21.90 16.00
CA TYR A 947 34.54 22.87 15.19
C TYR A 947 33.82 23.14 13.87
N VAL A 948 33.18 22.11 13.30
CA VAL A 948 32.40 22.32 12.09
C VAL A 948 31.20 23.22 12.38
N ASP A 949 30.59 23.06 13.56
CA ASP A 949 29.47 23.94 13.91
C ASP A 949 29.91 25.40 13.93
N TYR A 950 31.04 25.67 14.57
CA TYR A 950 31.52 27.05 14.64
C TYR A 950 31.89 27.58 13.24
N VAL A 951 32.60 26.78 12.46
CA VAL A 951 32.99 27.20 11.12
C VAL A 951 31.75 27.44 10.25
N LEU A 952 30.73 26.62 10.43
CA LEU A 952 29.52 26.77 9.63
C LEU A 952 28.74 28.02 10.03
N THR A 953 28.72 28.35 11.33
CA THR A 953 28.11 29.61 11.74
C THR A 953 28.80 30.78 11.05
N ALA A 954 30.14 30.79 11.08
CA ALA A 954 30.87 31.85 10.40
C ALA A 954 30.55 31.87 8.91
N PHE A 955 30.51 30.68 8.29
CA PHE A 955 30.27 30.59 6.86
C PHE A 955 28.88 31.10 6.48
N PHE A 956 27.86 30.74 7.27
CA PHE A 956 26.51 31.20 6.98
C PHE A 956 26.41 32.73 7.11
N VAL A 957 27.05 33.29 8.14
CA VAL A 957 27.03 34.75 8.29
C VAL A 957 27.68 35.41 7.09
N ILE A 958 28.85 34.91 6.68
CA ILE A 958 29.56 35.50 5.55
C ILE A 958 28.72 35.39 4.28
N GLU A 959 28.10 34.24 4.06
CA GLU A 959 27.31 34.04 2.85
C GLU A 959 26.09 34.95 2.83
N MET A 960 25.44 35.13 3.98
CA MET A 960 24.30 36.02 4.03
C MET A 960 24.73 37.45 3.73
N ILE A 961 25.87 37.88 4.28
CA ILE A 961 26.36 39.22 3.99
C ILE A 961 26.67 39.38 2.51
N ILE A 962 27.29 38.37 1.90
CA ILE A 962 27.63 38.44 0.49
C ILE A 962 26.35 38.54 -0.35
N MET A 963 25.35 37.72 -0.03
CA MET A 963 24.12 37.76 -0.81
C MET A 963 23.39 39.09 -0.61
N LEU A 964 23.47 39.67 0.59
CA LEU A 964 22.81 40.94 0.83
C LEU A 964 23.49 42.06 0.05
N PHE A 965 24.82 42.03 -0.05
CA PHE A 965 25.48 42.98 -0.94
C PHE A 965 25.17 42.69 -2.41
N ALA A 966 24.91 41.44 -2.76
CA ALA A 966 24.75 41.11 -4.17
C ALA A 966 23.35 41.48 -4.67
N VAL A 967 22.31 40.87 -4.09
CA VAL A 967 20.96 41.07 -4.59
C VAL A 967 20.22 42.22 -3.91
N GLY A 968 20.65 42.63 -2.72
CA GLY A 968 19.98 43.68 -1.99
C GLY A 968 18.87 43.15 -1.09
N PHE A 969 18.43 44.01 -0.17
CA PHE A 969 17.45 43.59 0.83
C PHE A 969 16.13 43.18 0.17
N LYS A 970 15.63 43.99 -0.76
CA LYS A 970 14.30 43.79 -1.31
C LYS A 970 14.17 42.41 -1.95
N LYS A 971 15.09 42.06 -2.84
CA LYS A 971 14.98 40.78 -3.53
C LYS A 971 15.42 39.62 -2.64
N TYR A 972 16.30 39.88 -1.66
CA TYR A 972 16.70 38.82 -0.74
C TYR A 972 15.54 38.37 0.13
N PHE A 973 14.76 39.32 0.63
CA PHE A 973 13.71 39.01 1.60
C PHE A 973 12.35 38.78 0.96
N THR A 974 12.25 38.80 -0.36
CA THR A 974 11.03 38.43 -1.07
C THR A 974 11.12 37.07 -1.71
N SER A 975 12.27 36.40 -1.64
CA SER A 975 12.45 35.05 -2.17
C SER A 975 12.28 34.04 -1.05
N LYS A 976 11.76 32.86 -1.41
CA LYS A 976 11.53 31.82 -0.41
C LYS A 976 12.84 31.12 -0.04
N TRP A 977 13.72 30.90 -1.02
CA TRP A 977 14.99 30.25 -0.73
C TRP A 977 15.84 31.10 0.21
N TYR A 978 15.82 32.42 0.01
CA TYR A 978 16.58 33.29 0.89
C TYR A 978 15.92 33.41 2.27
N TRP A 979 14.59 33.25 2.35
CA TRP A 979 13.97 33.04 3.64
C TRP A 979 14.51 31.80 4.34
N LEU A 980 14.65 30.69 3.60
CA LEU A 980 15.17 29.48 4.22
C LEU A 980 16.59 29.69 4.71
N ASP A 981 17.43 30.33 3.89
CA ASP A 981 18.80 30.59 4.29
C ASP A 981 18.86 31.52 5.51
N PHE A 982 18.00 32.55 5.53
CA PHE A 982 17.96 33.47 6.65
C PHE A 982 17.52 32.77 7.93
N ILE A 983 16.53 31.88 7.84
CA ILE A 983 16.10 31.13 9.01
C ILE A 983 17.24 30.27 9.54
N VAL A 984 17.97 29.61 8.64
CA VAL A 984 19.12 28.83 9.08
C VAL A 984 20.15 29.72 9.77
N VAL A 985 20.40 30.91 9.19
CA VAL A 985 21.38 31.82 9.78
C VAL A 985 20.94 32.24 11.18
N VAL A 986 19.65 32.55 11.35
CA VAL A 986 19.15 32.96 12.65
C VAL A 986 19.29 31.83 13.66
N ALA A 987 18.94 30.60 13.26
CA ALA A 987 19.07 29.47 14.17
C ALA A 987 20.52 29.26 14.58
N TYR A 988 21.46 29.40 13.65
CA TYR A 988 22.86 29.15 13.98
C TYR A 988 23.43 30.27 14.84
N LEU A 989 23.04 31.52 14.59
CA LEU A 989 23.46 32.60 15.47
C LEU A 989 22.89 32.41 16.87
N LEU A 990 21.64 31.95 16.96
CA LEU A 990 21.05 31.68 18.27
C LEU A 990 21.82 30.57 19.00
N ASN A 991 22.17 29.50 18.29
CA ASN A 991 22.93 28.43 18.93
C ASN A 991 24.30 28.91 19.36
N PHE A 992 24.94 29.77 18.55
CA PHE A 992 26.27 30.25 18.91
C PHE A 992 26.19 31.15 20.15
N VAL A 993 25.18 32.02 20.23
CA VAL A 993 25.06 32.86 21.41
C VAL A 993 24.71 32.01 22.62
N LEU A 994 24.00 30.90 22.42
CA LEU A 994 23.77 29.99 23.53
C LEU A 994 25.07 29.36 24.01
N MET A 995 25.90 28.88 23.08
CA MET A 995 27.17 28.28 23.48
C MET A 995 28.07 29.28 24.16
N CYS A 996 28.03 30.55 23.72
CA CYS A 996 28.76 31.59 24.40
C CYS A 996 28.20 31.84 25.79
N ALA A 997 26.88 31.74 25.94
CA ALA A 997 26.23 31.92 27.23
C ALA A 997 26.33 30.69 28.12
N GLY A 998 26.89 29.60 27.63
CA GLY A 998 27.07 28.40 28.44
C GLY A 998 25.89 27.45 28.44
N ILE A 999 24.94 27.62 27.55
CA ILE A 999 23.78 26.74 27.43
C ILE A 999 24.04 25.75 26.32
N GLU A 1000 23.67 24.50 26.55
CA GLU A 1000 23.83 23.47 25.53
C GLU A 1000 23.04 23.83 24.28
N ALA A 1001 23.60 23.51 23.13
CA ALA A 1001 22.96 23.85 21.86
C ALA A 1001 21.69 23.04 21.67
N LEU A 1002 20.67 23.69 21.11
CA LEU A 1002 19.46 22.97 20.71
C LEU A 1002 19.76 22.18 19.45
N GLN A 1003 19.54 20.87 19.51
CA GLN A 1003 19.89 20.02 18.38
C GLN A 1003 18.93 20.20 17.22
N THR A 1004 17.65 20.40 17.51
CA THR A 1004 16.67 20.61 16.44
C THR A 1004 17.06 21.82 15.60
N LEU A 1005 17.61 22.86 16.22
CA LEU A 1005 17.99 24.06 15.48
C LEU A 1005 19.18 23.79 14.58
N ARG A 1006 20.19 23.08 15.08
CA ARG A 1006 21.35 22.79 14.26
C ARG A 1006 21.11 21.65 13.28
N LEU A 1007 19.96 21.00 13.33
CA LEU A 1007 19.56 20.06 12.30
C LEU A 1007 18.87 20.73 11.12
N LEU A 1008 18.73 22.05 11.15
CA LEU A 1008 18.05 22.76 10.09
C LEU A 1008 18.95 23.05 8.89
N ARG A 1009 20.23 22.73 8.97
CA ARG A 1009 21.12 23.01 7.84
C ARG A 1009 20.93 22.02 6.70
N VAL A 1010 20.43 20.82 6.99
CA VAL A 1010 20.12 19.88 5.91
C VAL A 1010 19.12 20.48 4.95
N PHE A 1011 18.28 21.41 5.43
CA PHE A 1011 17.28 22.02 4.56
C PHE A 1011 17.90 22.89 3.48
N ARG A 1012 19.20 23.19 3.57
CA ARG A 1012 19.87 23.89 2.49
C ARG A 1012 20.13 22.98 1.29
N LEU A 1013 19.94 21.68 1.43
CA LEU A 1013 20.19 20.75 0.33
C LEU A 1013 19.12 20.80 -0.75
N PHE A 1014 18.02 21.49 -0.52
CA PHE A 1014 16.90 21.44 -1.46
C PHE A 1014 17.11 22.36 -2.65
N ARG A 1015 17.72 23.52 -2.44
CA ARG A 1015 18.00 24.41 -3.57
C ARG A 1015 18.97 23.77 -4.56
N PRO A 1016 20.14 23.27 -4.16
CA PRO A 1016 20.98 22.56 -5.14
C PRO A 1016 20.30 21.35 -5.73
N LEU A 1017 19.45 20.67 -4.97
CA LEU A 1017 18.76 19.50 -5.48
C LEU A 1017 17.82 19.88 -6.63
N SER A 1018 17.14 21.02 -6.51
CA SER A 1018 16.24 21.48 -7.55
C SER A 1018 16.98 21.89 -8.83
N LYS A 1019 18.28 22.15 -8.76
CA LYS A 1019 19.06 22.54 -9.93
C LYS A 1019 19.67 21.35 -10.65
N VAL A 1020 19.36 20.12 -10.25
CA VAL A 1020 19.86 18.97 -10.97
C VAL A 1020 19.20 18.88 -12.34
N ASN A 1021 19.91 18.31 -13.30
CA ASN A 1021 19.38 18.17 -14.66
C ASN A 1021 18.13 17.32 -14.67
N GLY A 1022 17.06 17.86 -15.27
CA GLY A 1022 15.81 17.15 -15.39
C GLY A 1022 14.96 17.16 -14.14
N MET A 1023 15.46 17.69 -13.03
CA MET A 1023 14.68 17.72 -11.80
C MET A 1023 13.58 18.76 -11.84
N GLN A 1024 13.64 19.70 -12.79
CA GLN A 1024 12.68 20.80 -12.79
C GLN A 1024 11.26 20.30 -13.01
N VAL A 1025 11.08 19.24 -13.80
CA VAL A 1025 9.73 18.74 -14.05
C VAL A 1025 9.10 18.22 -12.76
N VAL A 1026 9.87 17.48 -11.96
CA VAL A 1026 9.33 16.89 -10.74
C VAL A 1026 8.91 17.99 -9.76
N THR A 1027 9.80 18.95 -9.52
CA THR A 1027 9.52 20.00 -8.54
C THR A 1027 8.40 20.92 -9.03
N SER A 1028 8.38 21.21 -10.33
CA SER A 1028 7.29 22.02 -10.88
C SER A 1028 5.95 21.31 -10.70
N THR A 1029 5.92 20.01 -10.98
CA THR A 1029 4.71 19.24 -10.75
C THR A 1029 4.27 19.35 -9.29
N LEU A 1030 5.22 19.18 -8.37
CA LEU A 1030 4.87 19.16 -6.95
C LEU A 1030 4.35 20.53 -6.50
N VAL A 1031 5.01 21.61 -6.91
CA VAL A 1031 4.58 22.94 -6.45
C VAL A 1031 3.23 23.31 -7.06
N GLU A 1032 2.96 22.90 -8.30
CA GLU A 1032 1.65 23.18 -8.87
C GLU A 1032 0.58 22.24 -8.32
N ALA A 1033 0.96 21.10 -7.77
CA ALA A 1033 -0.01 20.16 -7.22
C ALA A 1033 -0.30 20.42 -5.75
N VAL A 1034 0.52 21.23 -5.07
CA VAL A 1034 0.26 21.52 -3.66
C VAL A 1034 -1.16 22.04 -3.43
N PRO A 1035 -1.66 23.01 -4.20
CA PRO A 1035 -3.02 23.53 -3.91
C PRO A 1035 -4.12 22.48 -4.02
N HIS A 1036 -4.08 21.67 -5.07
CA HIS A 1036 -5.09 20.63 -5.24
C HIS A 1036 -4.99 19.60 -4.11
N ILE A 1037 -3.76 19.24 -3.73
CA ILE A 1037 -3.58 18.27 -2.67
C ILE A 1037 -4.14 18.81 -1.36
N PHE A 1038 -3.91 20.11 -1.08
CA PHE A 1038 -4.46 20.71 0.12
C PHE A 1038 -5.99 20.70 0.09
N ASN A 1039 -6.59 21.03 -1.05
CA ASN A 1039 -8.04 21.00 -1.15
C ASN A 1039 -8.60 19.61 -0.90
N VAL A 1040 -7.95 18.59 -1.50
CA VAL A 1040 -8.42 17.22 -1.31
C VAL A 1040 -8.24 16.80 0.14
N ILE A 1041 -7.17 17.26 0.78
CA ILE A 1041 -6.96 16.95 2.20
C ILE A 1041 -8.09 17.55 3.03
N LEU A 1042 -8.50 18.78 2.71
CA LEU A 1042 -9.60 19.38 3.44
C LEU A 1042 -10.90 18.60 3.27
N VAL A 1043 -11.22 18.22 2.03
CA VAL A 1043 -12.44 17.47 1.78
C VAL A 1043 -12.39 16.12 2.50
N GLY A 1044 -11.23 15.47 2.47
CA GLY A 1044 -11.09 14.21 3.18
C GLY A 1044 -11.22 14.38 4.68
N ILE A 1045 -10.70 15.48 5.21
CA ILE A 1045 -10.86 15.76 6.64
C ILE A 1045 -12.34 15.88 6.97
N PHE A 1046 -13.11 16.52 6.08
CA PHE A 1046 -14.55 16.64 6.30
C PHE A 1046 -15.22 15.27 6.34
N PHE A 1047 -14.98 14.44 5.33
CA PHE A 1047 -15.65 13.13 5.28
C PHE A 1047 -15.21 12.24 6.44
N TRP A 1048 -13.91 12.27 6.77
CA TRP A 1048 -13.42 11.52 7.91
C TRP A 1048 -13.95 12.08 9.22
N LEU A 1049 -14.28 13.37 9.27
CA LEU A 1049 -14.97 13.91 10.42
C LEU A 1049 -16.34 13.28 10.58
N VAL A 1050 -17.08 13.15 9.48
CA VAL A 1050 -18.37 12.48 9.56
C VAL A 1050 -18.19 11.05 10.08
N PHE A 1051 -17.28 10.31 9.46
CA PHE A 1051 -17.07 8.92 9.86
C PHE A 1051 -16.53 8.80 11.28
N ALA A 1052 -15.75 9.77 11.74
CA ALA A 1052 -15.16 9.73 13.07
C ALA A 1052 -16.19 10.08 14.13
N ILE A 1053 -17.11 10.99 13.83
CA ILE A 1053 -18.21 11.23 14.75
C ILE A 1053 -19.04 9.97 14.89
N MET A 1054 -19.34 9.30 13.77
CA MET A 1054 -20.08 8.05 13.86
C MET A 1054 -19.30 7.01 14.67
N GLY A 1055 -18.00 6.90 14.43
CA GLY A 1055 -17.20 5.92 15.16
C GLY A 1055 -17.14 6.23 16.64
N VAL A 1056 -17.04 7.50 17.00
CA VAL A 1056 -17.06 7.88 18.41
C VAL A 1056 -18.39 7.47 19.03
N GLN A 1057 -19.49 7.78 18.35
CA GLN A 1057 -20.79 7.44 18.92
C GLN A 1057 -21.01 5.93 18.99
N LEU A 1058 -20.34 5.16 18.15
CA LEU A 1058 -20.53 3.71 18.12
C LEU A 1058 -19.63 2.98 19.12
N PHE A 1059 -18.36 3.37 19.22
CA PHE A 1059 -17.33 2.57 19.89
C PHE A 1059 -16.66 3.31 21.03
N ALA A 1060 -17.24 4.40 21.52
CA ALA A 1060 -16.60 5.19 22.57
C ALA A 1060 -16.78 4.51 23.92
N GLY A 1061 -15.68 4.22 24.59
CA GLY A 1061 -15.73 3.60 25.91
C GLY A 1061 -15.97 2.11 25.90
N LYS A 1062 -16.00 1.47 24.73
CA LYS A 1062 -16.34 0.06 24.62
C LYS A 1062 -15.13 -0.81 24.27
N PHE A 1063 -13.93 -0.25 24.28
CA PHE A 1063 -12.72 -1.00 23.97
C PHE A 1063 -11.96 -1.41 25.21
N TYR A 1064 -12.54 -1.21 26.39
CA TYR A 1064 -11.95 -1.72 27.62
C TYR A 1064 -12.18 -3.23 27.72
N LYS A 1065 -11.28 -3.91 28.41
CA LYS A 1065 -11.35 -5.34 28.57
C LYS A 1065 -10.53 -5.77 29.78
N CYS A 1066 -10.86 -6.94 30.31
CA CYS A 1066 -10.18 -7.48 31.47
C CYS A 1066 -8.97 -8.31 31.04
N VAL A 1067 -7.81 -8.00 31.59
CA VAL A 1067 -6.59 -8.72 31.31
C VAL A 1067 -5.89 -9.04 32.62
N ASP A 1068 -5.07 -10.09 32.58
CA ASP A 1068 -4.40 -10.62 33.75
C ASP A 1068 -2.94 -10.13 33.77
N GLU A 1069 -2.15 -10.70 34.68
CA GLU A 1069 -0.74 -10.33 34.76
C GLU A 1069 -0.09 -10.44 33.38
N ASN A 1070 -0.29 -11.56 32.71
CA ASN A 1070 0.03 -11.66 31.29
C ASN A 1070 -1.05 -10.98 30.48
N SER A 1071 -0.66 -10.24 29.45
CA SER A 1071 -1.61 -9.44 28.71
C SER A 1071 -2.50 -10.33 27.86
N THR A 1072 -3.40 -11.06 28.53
CA THR A 1072 -4.31 -11.99 27.82
C THR A 1072 -5.76 -11.70 28.24
N VAL A 1073 -6.67 -11.61 27.26
CA VAL A 1073 -8.07 -11.32 27.52
C VAL A 1073 -8.71 -12.52 28.22
N LEU A 1074 -9.67 -12.25 29.09
CA LEU A 1074 -10.35 -13.27 29.86
C LEU A 1074 -11.72 -13.56 29.26
N SER A 1075 -12.22 -14.77 29.57
CA SER A 1075 -13.55 -15.16 29.14
C SER A 1075 -14.62 -14.37 29.88
N HIS A 1076 -15.72 -14.10 29.18
CA HIS A 1076 -16.85 -13.42 29.81
C HIS A 1076 -17.52 -14.31 30.85
N GLU A 1077 -17.24 -15.61 30.85
CA GLU A 1077 -17.77 -16.50 31.88
C GLU A 1077 -17.14 -16.22 33.24
N ILE A 1078 -15.86 -15.85 33.27
CA ILE A 1078 -15.15 -15.67 34.53
C ILE A 1078 -15.12 -14.21 34.94
N THR A 1079 -15.08 -13.29 33.97
CA THR A 1079 -15.18 -11.86 34.23
C THR A 1079 -16.26 -11.25 33.34
N MET A 1080 -17.45 -11.06 33.90
CA MET A 1080 -18.55 -10.51 33.10
C MET A 1080 -18.39 -9.01 32.86
N ASP A 1081 -17.70 -8.30 33.75
CA ASP A 1081 -17.59 -6.85 33.60
C ASP A 1081 -16.45 -6.34 34.47
N ARG A 1082 -16.34 -5.01 34.58
CA ARG A 1082 -15.24 -4.39 35.31
C ARG A 1082 -15.31 -4.72 36.81
N ASN A 1083 -16.51 -4.83 37.37
CA ASN A 1083 -16.61 -5.15 38.79
C ASN A 1083 -15.98 -6.50 39.09
N ASP A 1084 -16.38 -7.52 38.33
CA ASP A 1084 -15.79 -8.83 38.50
C ASP A 1084 -14.30 -8.80 38.17
N CYS A 1085 -13.92 -8.01 37.17
CA CYS A 1085 -12.51 -7.91 36.80
C CYS A 1085 -11.66 -7.45 37.96
N LEU A 1086 -12.05 -6.34 38.60
CA LEU A 1086 -11.26 -5.79 39.68
C LEU A 1086 -11.39 -6.60 40.96
N HIS A 1087 -12.51 -7.31 41.16
CA HIS A 1087 -12.63 -8.14 42.35
C HIS A 1087 -11.60 -9.27 42.35
N GLU A 1088 -11.22 -9.75 41.18
CA GLU A 1088 -10.19 -10.79 41.06
C GLU A 1088 -8.80 -10.21 40.86
N ASN A 1089 -8.59 -8.95 41.24
CA ASN A 1089 -7.29 -8.30 41.13
C ASN A 1089 -6.71 -8.44 39.73
N TYR A 1090 -7.49 -7.99 38.75
CA TYR A 1090 -7.09 -7.97 37.36
C TYR A 1090 -7.01 -6.52 36.89
N THR A 1091 -6.58 -6.34 35.65
CA THR A 1091 -6.44 -5.01 35.05
C THR A 1091 -7.60 -4.77 34.08
N TRP A 1092 -8.20 -3.60 34.20
CA TRP A 1092 -9.23 -3.15 33.25
C TRP A 1092 -8.54 -2.24 32.25
N GLU A 1093 -8.03 -2.86 31.18
CA GLU A 1093 -7.13 -2.21 30.24
C GLU A 1093 -7.89 -1.71 29.02
N ASN A 1094 -7.51 -0.52 28.54
CA ASN A 1094 -8.05 0.06 27.33
C ASN A 1094 -7.17 -0.29 26.14
N SER A 1095 -7.79 -0.42 24.98
CA SER A 1095 -7.04 -0.69 23.76
C SER A 1095 -6.27 0.56 23.33
N PRO A 1096 -5.03 0.41 22.84
CA PRO A 1096 -4.28 1.61 22.44
C PRO A 1096 -4.95 2.44 21.35
N MET A 1097 -5.60 1.79 20.39
CA MET A 1097 -6.32 2.46 19.31
C MET A 1097 -7.81 2.31 19.57
N ASN A 1098 -8.51 3.43 19.74
CA ASN A 1098 -9.90 3.40 20.13
C ASN A 1098 -10.62 4.57 19.47
N PHE A 1099 -11.91 4.70 19.78
CA PHE A 1099 -12.74 5.81 19.33
C PHE A 1099 -13.28 6.59 20.52
N ASP A 1100 -12.41 6.83 21.51
CA ASP A 1100 -12.86 7.53 22.71
C ASP A 1100 -13.23 8.98 22.42
N HIS A 1101 -12.51 9.62 21.51
CA HIS A 1101 -12.87 10.97 21.07
C HIS A 1101 -12.49 11.12 19.60
N VAL A 1102 -12.67 12.32 19.08
CA VAL A 1102 -12.53 12.54 17.64
C VAL A 1102 -11.08 12.40 17.19
N GLY A 1103 -10.12 12.84 18.01
CA GLY A 1103 -8.72 12.68 17.63
C GLY A 1103 -8.33 11.22 17.53
N ASN A 1104 -8.72 10.43 18.53
CA ASN A 1104 -8.46 9.00 18.49
C ASN A 1104 -9.15 8.35 17.29
N ALA A 1105 -10.38 8.78 16.99
CA ALA A 1105 -11.10 8.24 15.84
C ALA A 1105 -10.39 8.59 14.54
N TYR A 1106 -9.88 9.82 14.42
CA TYR A 1106 -9.05 10.17 13.27
C TYR A 1106 -7.89 9.21 13.11
N LEU A 1107 -7.14 8.99 14.20
CA LEU A 1107 -5.94 8.18 14.07
C LEU A 1107 -6.27 6.73 13.73
N SER A 1108 -7.32 6.18 14.36
CA SER A 1108 -7.72 4.82 14.05
C SER A 1108 -8.24 4.70 12.62
N LEU A 1109 -8.97 5.71 12.13
CA LEU A 1109 -9.43 5.68 10.75
C LEU A 1109 -8.27 5.80 9.78
N LEU A 1110 -7.22 6.53 10.15
CA LEU A 1110 -6.02 6.57 9.33
C LEU A 1110 -5.39 5.18 9.26
N GLN A 1111 -5.35 4.47 10.40
CA GLN A 1111 -4.87 3.10 10.39
C GLN A 1111 -5.73 2.22 9.48
N VAL A 1112 -7.05 2.44 9.50
CA VAL A 1112 -7.95 1.62 8.71
C VAL A 1112 -7.74 1.88 7.21
N ALA A 1113 -7.70 3.16 6.82
CA ALA A 1113 -7.64 3.49 5.41
C ALA A 1113 -6.32 3.06 4.78
N THR A 1114 -5.22 3.18 5.51
CA THR A 1114 -3.93 2.70 5.01
C THR A 1114 -3.78 1.20 5.10
N PHE A 1115 -4.70 0.51 5.79
CA PHE A 1115 -4.66 -0.94 5.92
C PHE A 1115 -3.45 -1.40 6.74
N LYS A 1116 -3.21 -0.74 7.87
CA LYS A 1116 -2.07 -1.04 8.74
C LYS A 1116 -2.49 -0.88 10.19
N GLY A 1117 -2.75 -2.00 10.88
CA GLY A 1117 -3.26 -1.96 12.24
C GLY A 1117 -4.77 -2.05 12.32
N TRP A 1118 -5.43 -2.12 11.17
CA TRP A 1118 -6.88 -2.22 11.06
C TRP A 1118 -7.44 -3.52 11.63
N LEU A 1119 -6.67 -4.61 11.59
CA LEU A 1119 -7.21 -5.88 12.04
C LEU A 1119 -7.57 -5.82 13.52
N GLN A 1120 -6.69 -5.25 14.32
CA GLN A 1120 -6.94 -5.14 15.75
C GLN A 1120 -8.11 -4.20 16.02
N ILE A 1121 -8.19 -3.12 15.26
CA ILE A 1121 -9.28 -2.16 15.48
C ILE A 1121 -10.62 -2.83 15.19
N MET A 1122 -10.74 -3.57 14.08
CA MET A 1122 -12.03 -4.20 13.81
C MET A 1122 -12.31 -5.31 14.81
N ASN A 1123 -11.28 -5.99 15.30
CA ASN A 1123 -11.53 -7.04 16.25
C ASN A 1123 -12.12 -6.44 17.52
N ASP A 1124 -11.47 -5.41 18.07
CA ASP A 1124 -12.05 -4.76 19.23
C ASP A 1124 -13.43 -4.19 18.90
N ALA A 1125 -13.63 -3.71 17.68
CA ALA A 1125 -14.91 -3.11 17.29
C ALA A 1125 -16.04 -4.13 17.29
N ILE A 1126 -15.79 -5.34 16.82
CA ILE A 1126 -16.85 -6.34 16.69
C ILE A 1126 -17.04 -7.15 17.97
N ASP A 1127 -16.05 -7.15 18.87
CA ASP A 1127 -16.25 -7.73 20.18
C ASP A 1127 -16.93 -6.75 21.14
N SER A 1128 -17.15 -5.51 20.70
CA SER A 1128 -17.62 -4.47 21.60
C SER A 1128 -19.06 -4.71 22.05
N ARG A 1129 -19.32 -4.43 23.32
CA ARG A 1129 -20.64 -4.49 23.90
C ARG A 1129 -20.92 -3.19 24.63
N GLU A 1130 -21.97 -3.16 25.43
CA GLU A 1130 -22.28 -1.98 26.24
C GLU A 1130 -21.06 -1.56 27.06
N VAL A 1131 -21.08 -0.34 27.58
CA VAL A 1131 -19.95 0.14 28.37
C VAL A 1131 -19.86 -0.64 29.67
N HIS A 1132 -18.63 -0.81 30.17
CA HIS A 1132 -18.37 -1.52 31.42
C HIS A 1132 -18.78 -2.99 31.31
N LYS A 1133 -18.58 -3.59 30.14
CA LYS A 1133 -18.85 -4.99 29.91
C LYS A 1133 -17.68 -5.65 29.21
N GLN A 1134 -17.48 -6.93 29.50
CA GLN A 1134 -16.37 -7.67 28.91
C GLN A 1134 -16.65 -7.97 27.45
N PRO A 1135 -15.74 -7.66 26.53
CA PRO A 1135 -15.98 -7.99 25.12
C PRO A 1135 -16.08 -9.50 24.92
N ILE A 1136 -16.89 -9.88 23.94
CA ILE A 1136 -17.09 -11.28 23.57
C ILE A 1136 -16.72 -11.44 22.11
N ARG A 1137 -16.05 -12.54 21.79
CA ARG A 1137 -15.61 -12.79 20.42
C ARG A 1137 -16.79 -12.78 19.45
N GLU A 1138 -16.77 -11.83 18.51
CA GLU A 1138 -17.73 -11.79 17.42
C GLU A 1138 -19.16 -11.78 17.94
N THR A 1139 -19.42 -11.01 18.99
CA THR A 1139 -20.78 -10.76 19.42
C THR A 1139 -21.46 -9.69 18.59
N ASN A 1140 -20.68 -8.90 17.86
CA ASN A 1140 -21.16 -7.74 17.11
C ASN A 1140 -20.61 -7.75 15.70
N ILE A 1141 -20.79 -8.88 15.01
CA ILE A 1141 -20.13 -9.12 13.74
C ILE A 1141 -20.42 -8.00 12.75
N TYR A 1142 -21.68 -7.58 12.67
CA TYR A 1142 -22.12 -6.73 11.58
C TYR A 1142 -21.47 -5.35 11.63
N MET A 1143 -20.73 -5.04 12.69
CA MET A 1143 -19.97 -3.80 12.72
C MET A 1143 -18.96 -3.72 11.60
N TYR A 1144 -18.57 -4.86 11.00
CA TYR A 1144 -17.73 -4.76 9.80
C TYR A 1144 -18.31 -3.81 8.79
N LEU A 1145 -19.64 -3.77 8.67
CA LEU A 1145 -20.25 -2.89 7.68
C LEU A 1145 -19.69 -1.49 7.82
N TYR A 1146 -19.62 -0.98 9.05
CA TYR A 1146 -19.14 0.37 9.27
C TYR A 1146 -17.79 0.60 8.60
N PHE A 1147 -16.88 -0.36 8.74
CA PHE A 1147 -15.56 -0.19 8.15
C PHE A 1147 -15.63 -0.30 6.63
N ILE A 1148 -16.42 -1.24 6.10
CA ILE A 1148 -16.48 -1.43 4.66
C ILE A 1148 -16.81 -0.11 3.97
N PHE A 1149 -17.92 0.50 4.39
CA PHE A 1149 -18.33 1.78 3.81
C PHE A 1149 -17.18 2.77 3.84
N PHE A 1150 -16.52 2.90 5.00
CA PHE A 1150 -15.43 3.84 5.11
C PHE A 1150 -14.37 3.56 4.07
N ILE A 1151 -13.98 2.28 3.94
CA ILE A 1151 -12.91 1.93 3.03
C ILE A 1151 -13.30 2.28 1.60
N VAL A 1152 -14.58 2.21 1.28
CA VAL A 1152 -15.02 2.60 -0.06
C VAL A 1152 -14.93 4.12 -0.22
N PHE A 1153 -15.35 4.87 0.79
CA PHE A 1153 -15.50 6.31 0.65
C PHE A 1153 -14.33 7.10 1.22
N GLY A 1154 -13.43 6.46 1.95
CA GLY A 1154 -12.29 7.15 2.54
C GLY A 1154 -10.96 6.71 1.98
N SER A 1155 -10.92 5.52 1.38
CA SER A 1155 -9.69 4.95 0.84
C SER A 1155 -9.73 4.75 -0.66
N PHE A 1156 -10.77 4.09 -1.18
CA PHE A 1156 -10.85 3.87 -2.61
C PHE A 1156 -11.13 5.15 -3.39
N PHE A 1157 -11.66 6.19 -2.73
CA PHE A 1157 -12.08 7.40 -3.42
C PHE A 1157 -11.22 8.60 -3.04
N ILE A 1158 -11.11 8.91 -1.75
CA ILE A 1158 -10.40 10.12 -1.34
C ILE A 1158 -8.89 9.93 -1.46
N LEU A 1159 -8.39 8.75 -1.09
CA LEU A 1159 -6.95 8.52 -1.13
C LEU A 1159 -6.42 8.27 -2.52
N LYS A 1160 -7.29 7.92 -3.48
CA LYS A 1160 -6.87 7.72 -4.86
C LYS A 1160 -7.01 8.97 -5.71
N LEU A 1161 -7.39 10.11 -5.11
CA LEU A 1161 -7.42 11.36 -5.87
C LEU A 1161 -6.04 11.96 -6.02
N PHE A 1162 -5.14 11.70 -5.08
CA PHE A 1162 -3.80 12.27 -5.16
C PHE A 1162 -3.09 11.83 -6.42
N VAL A 1163 -3.17 10.54 -6.74
CA VAL A 1163 -2.50 10.01 -7.91
C VAL A 1163 -3.09 10.61 -9.18
N CYS A 1164 -4.42 10.79 -9.21
CA CYS A 1164 -5.05 11.39 -10.37
C CYS A 1164 -4.60 12.84 -10.58
N ILE A 1165 -4.56 13.60 -9.48
CA ILE A 1165 -4.09 14.98 -9.56
C ILE A 1165 -2.66 15.01 -10.08
N LEU A 1166 -1.81 14.15 -9.55
CA LEU A 1166 -0.42 14.11 -9.97
C LEU A 1166 -0.29 13.73 -11.42
N ILE A 1167 -1.11 12.78 -11.88
CA ILE A 1167 -1.05 12.35 -13.29
C ILE A 1167 -1.37 13.53 -14.20
N ASP A 1168 -2.45 14.24 -13.90
CA ASP A 1168 -2.84 15.36 -14.75
C ASP A 1168 -1.76 16.44 -14.77
N ILE A 1169 -1.27 16.81 -13.59
CA ILE A 1169 -0.34 17.92 -13.50
C ILE A 1169 1.00 17.54 -14.13
N PHE A 1170 1.42 16.28 -13.97
CA PHE A 1170 2.67 15.86 -14.59
C PHE A 1170 2.55 15.82 -16.11
N ARG A 1171 1.40 15.39 -16.62
CA ARG A 1171 1.20 15.44 -18.06
C ARG A 1171 1.38 16.87 -18.57
N GLN A 1172 0.71 17.82 -17.93
CA GLN A 1172 0.87 19.22 -18.34
C GLN A 1172 2.31 19.67 -18.22
N GLN A 1173 2.98 19.32 -17.11
CA GLN A 1173 4.34 19.79 -16.86
C GLN A 1173 5.31 19.25 -17.89
N ARG A 1174 5.16 17.99 -18.27
CA ARG A 1174 6.04 17.42 -19.28
C ARG A 1174 5.78 18.04 -20.65
N ARG A 1175 4.52 18.34 -20.95
CA ARG A 1175 4.22 19.07 -22.18
C ARG A 1175 4.94 20.41 -22.20
N LYS A 1176 4.89 21.16 -21.08
CA LYS A 1176 5.58 22.44 -21.04
C LYS A 1176 7.10 22.27 -21.11
N ALA A 1177 7.64 21.24 -20.48
CA ALA A 1177 9.09 21.06 -20.42
C ALA A 1177 9.67 20.83 -21.81
N GLU A 1178 8.94 20.12 -22.66
CA GLU A 1178 9.44 19.75 -23.98
C GLU A 1178 9.16 20.80 -25.05
N GLY A 1179 8.58 21.93 -24.69
CA GLY A 1179 8.37 23.01 -25.63
C GLY A 1179 7.13 22.88 -26.49
N LEU A 1180 6.23 21.95 -26.20
CA LEU A 1180 5.02 21.79 -26.98
C LEU A 1180 3.99 22.82 -26.58
N SER A 1181 3.25 23.32 -27.56
CA SER A 1181 2.22 24.31 -27.31
C SER A 1181 1.02 23.69 -26.62
N ALA A 1182 0.46 24.41 -25.65
CA ALA A 1182 -0.65 23.89 -24.87
C ALA A 1182 -1.91 23.67 -25.71
N THR A 1183 -2.03 24.34 -26.85
CA THR A 1183 -3.26 24.31 -27.63
C THR A 1183 -3.30 23.18 -28.65
N ASP A 1184 -2.18 22.50 -28.90
CA ASP A 1184 -2.18 21.41 -29.86
C ASP A 1184 -2.97 20.22 -29.34
N SER A 1185 -3.65 19.52 -30.25
CA SER A 1185 -4.42 18.35 -29.89
C SER A 1185 -3.60 17.08 -30.07
N ARG A 1186 -4.10 15.98 -29.52
CA ARG A 1186 -3.31 14.76 -29.42
C ARG A 1186 -2.87 14.28 -30.80
N THR A 1187 -3.74 14.38 -31.79
CA THR A 1187 -3.38 13.93 -33.14
C THR A 1187 -2.26 14.80 -33.72
N GLN A 1188 -2.34 16.12 -33.50
CA GLN A 1188 -1.27 16.99 -33.96
C GLN A 1188 0.05 16.66 -33.28
N LEU A 1189 0.00 16.37 -31.97
CA LEU A 1189 1.22 16.00 -31.26
C LEU A 1189 1.80 14.70 -31.79
N ILE A 1190 0.94 13.73 -32.09
CA ILE A 1190 1.42 12.46 -32.63
C ILE A 1190 2.04 12.68 -34.01
N TYR A 1191 1.40 13.52 -34.82
CA TYR A 1191 1.97 13.80 -36.13
C TYR A 1191 3.32 14.50 -36.01
N ARG A 1192 3.44 15.43 -35.06
CA ARG A 1192 4.73 16.08 -34.83
C ARG A 1192 5.78 15.08 -34.39
N ARG A 1193 5.42 14.16 -33.50
CA ARG A 1193 6.40 13.17 -33.06
C ARG A 1193 6.83 12.27 -34.21
N ALA A 1194 5.89 11.88 -35.08
CA ALA A 1194 6.26 11.08 -36.24
C ALA A 1194 7.18 11.87 -37.17
N VAL A 1195 6.89 13.15 -37.38
CA VAL A 1195 7.73 13.97 -38.24
C VAL A 1195 9.13 14.09 -37.67
N MET A 1196 9.23 14.34 -36.36
CA MET A 1196 10.54 14.46 -35.73
C MET A 1196 11.31 13.16 -35.83
N ARG A 1197 10.63 12.03 -35.66
CA ARG A 1197 11.30 10.73 -35.82
C ARG A 1197 11.82 10.58 -37.25
N THR A 1198 11.01 10.96 -38.24
CA THR A 1198 11.44 10.85 -39.63
C THR A 1198 12.65 11.73 -39.91
N MET A 1199 12.86 12.78 -39.10
CA MET A 1199 13.99 13.67 -39.34
C MET A 1199 15.32 12.91 -39.22
N SER A 1200 15.43 12.05 -38.22
CA SER A 1200 16.66 11.30 -37.96
C SER A 1200 16.47 9.85 -38.38
N ALA A 1201 17.12 9.45 -39.46
CA ALA A 1201 17.11 8.06 -39.91
C ALA A 1201 18.14 7.86 -41.01
N LYS A 1202 18.92 6.79 -40.91
CA LYS A 1202 19.99 6.51 -41.87
C LYS A 1202 20.02 5.02 -42.17
N PRO A 1203 20.42 4.63 -43.38
CA PRO A 1203 20.54 3.22 -43.71
C PRO A 1203 21.96 2.68 -43.48
N VAL A 1204 22.09 1.36 -43.58
CA VAL A 1204 23.38 0.70 -43.41
C VAL A 1204 23.29 -0.67 -44.07
N LYS A 1205 24.44 -1.17 -44.52
CA LYS A 1205 24.51 -2.48 -45.14
C LYS A 1205 25.82 -3.17 -44.75
N ARG A 1206 25.76 -4.49 -44.59
CA ARG A 1206 26.91 -5.32 -44.32
C ARG A 1206 27.26 -6.14 -45.56
N ILE A 1207 28.49 -6.63 -45.59
CA ILE A 1207 29.00 -7.40 -46.72
C ILE A 1207 29.55 -8.72 -46.22
N PRO A 1208 29.06 -9.87 -46.71
CA PRO A 1208 29.69 -11.15 -46.36
C PRO A 1208 31.03 -11.31 -47.06
N LYS A 1209 31.75 -12.35 -46.64
CA LYS A 1209 33.05 -12.65 -47.23
C LYS A 1209 32.95 -12.81 -48.74
N ASN A 1212 37.60 -17.25 -48.08
CA ASN A 1212 36.47 -16.33 -48.00
C ASN A 1212 35.15 -17.08 -48.11
N LYS A 1213 35.14 -18.16 -48.90
CA LYS A 1213 33.93 -18.93 -49.08
C LYS A 1213 33.47 -19.54 -47.76
N ILE A 1214 34.39 -20.09 -46.98
CA ILE A 1214 34.03 -20.68 -45.69
C ILE A 1214 33.48 -19.61 -44.76
N GLN A 1215 34.14 -18.45 -44.71
CA GLN A 1215 33.63 -17.36 -43.89
C GLN A 1215 32.25 -16.92 -44.35
N GLY A 1216 32.03 -16.87 -45.66
CA GLY A 1216 30.71 -16.53 -46.17
C GLY A 1216 29.66 -17.57 -45.79
N CYS A 1217 30.05 -18.85 -45.76
CA CYS A 1217 29.12 -19.88 -45.32
C CYS A 1217 28.76 -19.69 -43.86
N ILE A 1218 29.74 -19.38 -43.02
CA ILE A 1218 29.45 -19.10 -41.62
C ILE A 1218 28.53 -17.88 -41.53
N PHE A 1219 28.75 -16.88 -42.38
CA PHE A 1219 27.89 -15.69 -42.38
C PHE A 1219 26.45 -16.06 -42.70
N ASP A 1220 26.26 -16.89 -43.74
CA ASP A 1220 24.91 -17.31 -44.10
C ASP A 1220 24.27 -18.11 -42.97
N LEU A 1221 25.05 -18.96 -42.30
CA LEU A 1221 24.52 -19.69 -41.16
C LEU A 1221 24.11 -18.74 -40.03
N VAL A 1222 24.91 -17.72 -39.77
CA VAL A 1222 24.65 -16.83 -38.64
C VAL A 1222 23.40 -16.00 -38.90
N THR A 1223 23.28 -15.42 -40.09
CA THR A 1223 22.16 -14.51 -40.34
C THR A 1223 20.83 -15.23 -40.27
N ASN A 1224 20.80 -16.54 -40.53
CA ASN A 1224 19.54 -17.26 -40.58
C ASN A 1224 18.79 -17.16 -39.26
N GLN A 1225 17.49 -16.92 -39.34
CA GLN A 1225 16.68 -16.80 -38.14
C GLN A 1225 16.63 -18.10 -37.35
N ALA A 1226 16.85 -19.23 -38.01
CA ALA A 1226 16.90 -20.50 -37.31
C ALA A 1226 18.00 -20.49 -36.25
N PHE A 1227 19.13 -19.86 -36.56
CA PHE A 1227 20.21 -19.75 -35.58
C PHE A 1227 19.74 -18.96 -34.36
N ASP A 1228 19.04 -17.86 -34.56
CA ASP A 1228 18.56 -17.06 -33.44
C ASP A 1228 17.54 -17.83 -32.61
N ILE A 1229 16.64 -18.57 -33.26
CA ILE A 1229 15.67 -19.36 -32.51
C ILE A 1229 16.35 -20.49 -31.74
N SER A 1230 17.37 -21.11 -32.32
CA SER A 1230 18.09 -22.14 -31.60
C SER A 1230 18.79 -21.57 -30.37
N ILE A 1231 19.38 -20.38 -30.51
CA ILE A 1231 19.97 -19.69 -29.37
C ILE A 1231 18.92 -19.32 -28.35
N MET A 1232 17.75 -18.92 -28.82
CA MET A 1232 16.63 -18.60 -27.94
C MET A 1232 16.31 -19.80 -27.06
N VAL A 1233 16.19 -20.97 -27.70
CA VAL A 1233 15.89 -22.22 -27.00
C VAL A 1233 16.99 -22.58 -26.03
N LEU A 1234 18.25 -22.40 -26.43
CA LEU A 1234 19.37 -22.71 -25.54
C LEU A 1234 19.32 -21.84 -24.30
N ILE A 1235 19.00 -20.56 -24.48
CA ILE A 1235 18.89 -19.65 -23.33
C ILE A 1235 17.77 -20.12 -22.41
N CYS A 1236 16.64 -20.54 -22.99
CA CYS A 1236 15.55 -21.02 -22.16
C CYS A 1236 15.94 -22.26 -21.37
N LEU A 1237 16.67 -23.19 -22.00
CA LEU A 1237 17.12 -24.38 -21.29
C LEU A 1237 18.07 -24.02 -20.16
N ASN A 1238 18.96 -23.06 -20.40
CA ASN A 1238 19.88 -22.64 -19.35
C ASN A 1238 19.13 -22.00 -18.19
N MET A 1239 18.10 -21.21 -18.50
CA MET A 1239 17.26 -20.63 -17.46
C MET A 1239 16.57 -21.72 -16.63
N VAL A 1240 16.07 -22.77 -17.30
CA VAL A 1240 15.42 -23.85 -16.58
C VAL A 1240 16.41 -24.56 -15.67
N THR A 1241 17.62 -24.83 -16.18
CA THR A 1241 18.63 -25.46 -15.36
C THR A 1241 18.94 -24.62 -14.14
N MET A 1242 18.93 -23.29 -14.30
CA MET A 1242 19.08 -22.41 -13.16
C MET A 1242 17.92 -22.61 -12.18
N MET A 1243 16.69 -22.74 -12.69
CA MET A 1243 15.55 -22.93 -11.81
C MET A 1243 15.63 -24.23 -11.03
N VAL A 1244 16.30 -25.25 -11.57
CA VAL A 1244 16.30 -26.55 -10.92
C VAL A 1244 17.04 -26.52 -9.58
N GLU A 1245 17.91 -25.54 -9.36
CA GLU A 1245 18.70 -25.50 -8.13
C GLU A 1245 17.79 -25.35 -6.91
N LYS A 1246 18.13 -26.05 -5.83
CA LYS A 1246 17.36 -26.01 -4.61
C LYS A 1246 18.29 -26.20 -3.42
N GLU A 1247 17.78 -25.86 -2.24
CA GLU A 1247 18.54 -26.10 -1.02
C GLU A 1247 18.42 -27.56 -0.60
N GLY A 1248 19.50 -28.07 0.00
CA GLY A 1248 19.55 -29.44 0.45
C GLY A 1248 19.91 -30.44 -0.63
N GLN A 1249 20.21 -29.98 -1.84
CA GLN A 1249 20.60 -30.90 -2.90
C GLN A 1249 22.01 -31.43 -2.64
N SER A 1250 22.24 -32.66 -3.04
CA SER A 1250 23.54 -33.28 -2.85
C SER A 1250 24.62 -32.50 -3.59
N GLN A 1251 25.87 -32.70 -3.14
CA GLN A 1251 27.01 -32.12 -3.85
C GLN A 1251 27.11 -32.66 -5.27
N HIS A 1252 26.69 -33.91 -5.47
CA HIS A 1252 26.70 -34.46 -6.82
C HIS A 1252 25.78 -33.68 -7.75
N MET A 1253 24.58 -33.36 -7.27
CA MET A 1253 23.65 -32.57 -8.07
C MET A 1253 24.23 -31.21 -8.39
N THR A 1254 24.92 -30.60 -7.42
CA THR A 1254 25.53 -29.30 -7.67
C THR A 1254 26.63 -29.39 -8.72
N GLU A 1255 27.45 -30.45 -8.66
CA GLU A 1255 28.48 -30.63 -9.68
C GLU A 1255 27.86 -30.83 -11.06
N VAL A 1256 26.79 -31.62 -11.14
CA VAL A 1256 26.14 -31.86 -12.42
C VAL A 1256 25.58 -30.56 -12.99
N LEU A 1257 24.96 -29.75 -12.13
CA LEU A 1257 24.41 -28.48 -12.60
C LEU A 1257 25.52 -27.54 -13.04
N TYR A 1258 26.64 -27.53 -12.31
CA TYR A 1258 27.79 -26.73 -12.73
C TYR A 1258 28.26 -27.16 -14.12
N TRP A 1259 28.32 -28.46 -14.38
CA TRP A 1259 28.81 -28.92 -15.67
C TRP A 1259 27.83 -28.58 -16.79
N ILE A 1260 26.53 -28.67 -16.51
CA ILE A 1260 25.54 -28.25 -17.51
C ILE A 1260 25.72 -26.78 -17.83
N ASN A 1261 25.92 -25.95 -16.81
CA ASN A 1261 26.16 -24.54 -17.06
C ASN A 1261 27.45 -24.32 -17.84
N VAL A 1262 28.46 -25.15 -17.60
CA VAL A 1262 29.68 -25.07 -18.39
C VAL A 1262 29.40 -25.35 -19.86
N VAL A 1263 28.58 -26.37 -20.13
CA VAL A 1263 28.20 -26.66 -21.51
C VAL A 1263 27.51 -25.45 -22.15
N PHE A 1264 26.58 -24.84 -21.42
CA PHE A 1264 25.87 -23.69 -21.97
C PHE A 1264 26.83 -22.53 -22.25
N ILE A 1265 27.76 -22.30 -21.33
CA ILE A 1265 28.74 -21.23 -21.53
C ILE A 1265 29.59 -21.51 -22.76
N ILE A 1266 30.00 -22.77 -22.94
CA ILE A 1266 30.78 -23.14 -24.12
C ILE A 1266 29.98 -22.86 -25.39
N LEU A 1267 28.70 -23.21 -25.38
CA LEU A 1267 27.88 -23.00 -26.58
C LEU A 1267 27.73 -21.53 -26.90
N PHE A 1268 27.50 -20.69 -25.89
CA PHE A 1268 27.38 -19.26 -26.15
C PHE A 1268 28.71 -18.66 -26.59
N THR A 1269 29.82 -19.16 -26.07
CA THR A 1269 31.12 -18.71 -26.55
C THR A 1269 31.32 -19.09 -28.01
N GLY A 1270 30.85 -20.28 -28.40
CA GLY A 1270 30.87 -20.65 -29.80
C GLY A 1270 30.03 -19.71 -30.65
N GLU A 1271 28.86 -19.33 -30.13
CA GLU A 1271 28.06 -18.30 -30.80
C GLU A 1271 28.86 -17.05 -31.07
N CYS A 1272 29.53 -16.54 -30.04
CA CYS A 1272 30.26 -15.29 -30.18
C CYS A 1272 31.40 -15.44 -31.18
N VAL A 1273 32.11 -16.56 -31.14
CA VAL A 1273 33.20 -16.79 -32.09
C VAL A 1273 32.66 -16.80 -33.51
N LEU A 1274 31.56 -17.53 -33.75
CA LEU A 1274 31.01 -17.60 -35.09
C LEU A 1274 30.56 -16.23 -35.58
N LYS A 1275 29.87 -15.48 -34.72
CA LYS A 1275 29.37 -14.17 -35.15
C LYS A 1275 30.51 -13.20 -35.40
N LEU A 1276 31.56 -13.23 -34.59
CA LEU A 1276 32.70 -12.36 -34.83
C LEU A 1276 33.36 -12.73 -36.16
N ILE A 1277 33.56 -14.03 -36.39
CA ILE A 1277 34.15 -14.46 -37.65
C ILE A 1277 33.31 -13.96 -38.82
N SER A 1278 32.00 -14.07 -38.71
CA SER A 1278 31.13 -13.73 -39.84
C SER A 1278 31.08 -12.23 -40.08
N LEU A 1279 30.90 -11.44 -39.02
CA LEU A 1279 30.62 -10.02 -39.17
C LEU A 1279 31.87 -9.13 -39.09
N ARG A 1280 33.04 -9.68 -38.80
CA ARG A 1280 34.29 -8.90 -38.81
C ARG A 1280 34.08 -7.72 -37.86
N HIS A 1281 34.34 -6.48 -38.29
CA HIS A 1281 34.15 -5.33 -37.42
C HIS A 1281 32.70 -4.90 -37.31
N TYR A 1282 31.82 -5.40 -38.17
CA TYR A 1282 30.41 -5.03 -38.12
C TYR A 1282 29.68 -5.67 -36.96
N TYR A 1283 30.34 -6.58 -36.23
CA TYR A 1283 29.68 -7.24 -35.10
C TYR A 1283 29.23 -6.23 -34.05
N PHE A 1284 30.02 -5.17 -33.85
CA PHE A 1284 29.79 -4.24 -32.75
C PHE A 1284 28.86 -3.09 -33.11
N THR A 1285 28.30 -3.07 -34.31
CA THR A 1285 27.35 -2.02 -34.66
C THR A 1285 26.07 -2.15 -33.84
N VAL A 1286 25.61 -3.36 -33.61
CA VAL A 1286 24.38 -3.62 -32.88
C VAL A 1286 24.68 -3.64 -31.38
N GLY A 1287 23.82 -2.97 -30.60
CA GLY A 1287 24.05 -2.92 -29.17
C GLY A 1287 23.89 -4.27 -28.48
N TRP A 1288 22.92 -5.06 -28.93
CA TRP A 1288 22.70 -6.36 -28.30
C TRP A 1288 23.88 -7.30 -28.55
N ASN A 1289 24.57 -7.14 -29.68
CA ASN A 1289 25.82 -7.86 -29.88
C ASN A 1289 26.83 -7.49 -28.81
N ILE A 1290 26.91 -6.20 -28.46
CA ILE A 1290 27.83 -5.76 -27.42
C ILE A 1290 27.44 -6.36 -26.07
N PHE A 1291 26.13 -6.40 -25.79
CA PHE A 1291 25.68 -7.02 -24.54
C PHE A 1291 26.08 -8.48 -24.48
N ASP A 1292 25.86 -9.20 -25.59
CA ASP A 1292 26.24 -10.62 -25.62
C ASP A 1292 27.74 -10.79 -25.44
N PHE A 1293 28.53 -9.93 -26.07
CA PHE A 1293 29.99 -10.03 -25.93
C PHE A 1293 30.41 -9.82 -24.48
N VAL A 1294 29.86 -8.79 -23.85
CA VAL A 1294 30.19 -8.53 -22.44
C VAL A 1294 29.80 -9.72 -21.57
N VAL A 1295 28.60 -10.27 -21.80
CA VAL A 1295 28.13 -11.39 -21.00
C VAL A 1295 29.03 -12.60 -21.19
N VAL A 1296 29.48 -12.85 -22.42
CA VAL A 1296 30.33 -14.01 -22.69
C VAL A 1296 31.69 -13.84 -22.00
N ILE A 1297 32.27 -12.65 -22.08
CA ILE A 1297 33.55 -12.44 -21.40
C ILE A 1297 33.38 -12.64 -19.90
N ILE A 1298 32.27 -12.13 -19.34
CA ILE A 1298 32.02 -12.30 -17.91
C ILE A 1298 31.89 -13.77 -17.56
N SER A 1299 31.20 -14.54 -18.39
CA SER A 1299 31.02 -15.96 -18.09
C SER A 1299 32.34 -16.73 -18.19
N ILE A 1300 33.20 -16.37 -19.15
CA ILE A 1300 34.50 -17.02 -19.23
C ILE A 1300 35.33 -16.73 -17.98
N VAL A 1301 35.36 -15.46 -17.56
CA VAL A 1301 36.10 -15.11 -16.36
C VAL A 1301 35.50 -15.83 -15.16
N GLY A 1302 34.18 -16.02 -15.16
CA GLY A 1302 33.54 -16.76 -14.08
C GLY A 1302 33.96 -18.22 -14.06
N MET A 1303 34.09 -18.83 -15.25
CA MET A 1303 34.58 -20.20 -15.29
C MET A 1303 35.99 -20.29 -14.74
N PHE A 1304 36.79 -19.25 -14.98
CA PHE A 1304 38.13 -19.23 -14.43
C PHE A 1304 38.12 -19.06 -12.91
N LEU A 1305 37.23 -18.22 -12.39
CA LEU A 1305 37.32 -17.77 -11.00
C LEU A 1305 36.38 -18.47 -10.03
N ALA A 1306 35.45 -19.30 -10.52
CA ALA A 1306 34.47 -19.90 -9.63
C ALA A 1306 35.15 -20.85 -8.64
N ASP A 1307 36.09 -21.66 -9.12
CA ASP A 1307 36.80 -22.57 -8.23
C ASP A 1307 37.54 -21.81 -7.14
N LEU A 1308 38.22 -20.72 -7.51
CA LEU A 1308 39.05 -20.01 -6.54
C LEU A 1308 38.21 -19.26 -5.51
N ILE A 1309 37.17 -18.55 -5.96
CA ILE A 1309 36.50 -17.60 -5.07
C ILE A 1309 35.87 -18.32 -3.88
N GLU A 1310 35.15 -19.41 -4.15
CA GLU A 1310 34.39 -20.05 -3.07
C GLU A 1310 35.31 -20.54 -1.97
N THR A 1311 36.46 -21.13 -2.34
CA THR A 1311 37.39 -21.64 -1.34
C THR A 1311 37.90 -20.51 -0.44
N TYR A 1312 38.27 -19.38 -1.03
CA TYR A 1312 38.88 -18.29 -0.29
C TYR A 1312 37.88 -17.19 0.03
N SER A 1315 34.53 -15.90 2.06
CA SER A 1315 33.22 -15.95 2.68
C SER A 1315 32.17 -16.48 1.70
N PRO A 1316 31.24 -17.31 2.19
CA PRO A 1316 30.18 -17.79 1.27
C PRO A 1316 29.39 -16.66 0.65
N THR A 1317 29.16 -15.59 1.41
CA THR A 1317 28.39 -14.46 0.90
C THR A 1317 29.07 -13.83 -0.31
N LEU A 1318 30.39 -13.72 -0.29
CA LEU A 1318 31.10 -13.11 -1.42
C LEU A 1318 30.88 -13.93 -2.68
N PHE A 1319 31.02 -15.25 -2.58
CA PHE A 1319 30.80 -16.11 -3.73
C PHE A 1319 29.36 -16.01 -4.22
N ARG A 1320 28.40 -16.01 -3.28
CA ARG A 1320 27.00 -15.94 -3.68
C ARG A 1320 26.70 -14.64 -4.41
N VAL A 1321 27.25 -13.53 -3.92
CA VAL A 1321 26.95 -12.24 -4.54
C VAL A 1321 27.65 -12.12 -5.88
N ILE A 1322 28.85 -12.69 -6.02
CA ILE A 1322 29.56 -12.56 -7.29
C ILE A 1322 28.99 -13.53 -8.32
N ARG A 1323 28.33 -14.60 -7.89
CA ARG A 1323 27.69 -15.54 -8.80
C ARG A 1323 26.45 -14.95 -9.46
N LEU A 1324 25.99 -13.77 -9.03
CA LEU A 1324 24.81 -13.17 -9.63
C LEU A 1324 25.03 -12.75 -11.08
N ALA A 1325 26.28 -12.58 -11.52
CA ALA A 1325 26.54 -12.30 -12.92
C ALA A 1325 26.09 -13.44 -13.81
N ARG A 1326 25.84 -14.61 -13.23
CA ARG A 1326 25.25 -15.73 -13.94
C ARG A 1326 23.96 -15.32 -14.63
N ILE A 1327 23.19 -14.43 -14.01
CA ILE A 1327 21.90 -14.00 -14.54
C ILE A 1327 22.06 -13.24 -15.85
N GLY A 1328 23.28 -12.84 -16.20
CA GLY A 1328 23.47 -12.02 -17.39
C GLY A 1328 23.07 -12.73 -18.66
N ARG A 1329 23.35 -14.02 -18.76
CA ARG A 1329 23.15 -14.75 -20.01
C ARG A 1329 21.75 -15.32 -20.15
N ILE A 1330 20.87 -15.14 -19.16
CA ILE A 1330 19.45 -15.39 -19.36
C ILE A 1330 18.68 -14.11 -19.58
N LEU A 1331 19.29 -12.95 -19.33
CA LEU A 1331 18.66 -11.68 -19.67
C LEU A 1331 18.55 -11.46 -21.17
N ARG A 1332 19.26 -12.27 -21.98
CA ARG A 1332 19.12 -12.18 -23.42
C ARG A 1332 17.75 -12.67 -23.91
N LEU A 1333 16.96 -13.29 -23.02
CA LEU A 1333 15.65 -13.79 -23.42
C LEU A 1333 14.74 -12.67 -23.90
N VAL A 1334 14.92 -11.46 -23.39
CA VAL A 1334 14.06 -10.36 -23.80
C VAL A 1334 14.34 -9.93 -25.23
N LYS A 1335 15.55 -10.16 -25.73
CA LYS A 1335 15.87 -9.77 -27.09
C LYS A 1335 14.97 -10.49 -28.08
N GLY A 1336 14.41 -9.74 -29.03
CA GLY A 1336 13.55 -10.29 -30.04
C GLY A 1336 12.07 -10.13 -29.76
N ALA A 1337 11.69 -9.89 -28.51
CA ALA A 1337 10.29 -9.65 -28.20
C ALA A 1337 9.89 -8.26 -28.68
N LYS A 1338 8.62 -8.12 -29.03
CA LYS A 1338 8.09 -6.85 -29.53
C LYS A 1338 7.38 -6.05 -28.46
N GLY A 1339 6.41 -6.66 -27.78
CA GLY A 1339 5.70 -5.95 -26.72
C GLY A 1339 6.59 -5.68 -25.51
N ILE A 1340 7.40 -6.67 -25.14
CA ILE A 1340 8.36 -6.45 -24.06
C ILE A 1340 9.30 -5.31 -24.44
N ARG A 1341 9.71 -5.27 -25.72
CA ARG A 1341 10.54 -4.17 -26.17
C ARG A 1341 9.80 -2.84 -26.06
N LEU A 1342 8.50 -2.84 -26.36
CA LEU A 1342 7.71 -1.62 -26.25
C LEU A 1342 7.68 -1.11 -24.82
N LEU A 1343 7.41 -2.00 -23.87
CA LEU A 1343 7.41 -1.57 -22.46
C LEU A 1343 8.79 -1.13 -22.01
N LEU A 1344 9.84 -1.85 -22.41
CA LEU A 1344 11.18 -1.46 -21.99
C LEU A 1344 11.60 -0.13 -22.60
N LEU A 1345 11.15 0.15 -23.82
CA LEU A 1345 11.38 1.46 -24.40
C LEU A 1345 10.66 2.55 -23.63
N ALA A 1346 9.41 2.29 -23.23
CA ALA A 1346 8.70 3.26 -22.40
C ALA A 1346 9.44 3.49 -21.09
N LEU A 1347 9.98 2.42 -20.49
CA LEU A 1347 10.71 2.54 -19.24
C LEU A 1347 12.00 3.32 -19.44
N ARG A 1348 12.67 3.12 -20.58
CA ARG A 1348 13.94 3.80 -20.81
C ARG A 1348 13.75 5.27 -21.11
N LYS A 1349 12.65 5.64 -21.76
CA LYS A 1349 12.39 7.06 -21.95
C LYS A 1349 12.14 7.78 -20.63
N ALA A 1350 11.61 7.07 -19.65
CA ALA A 1350 11.24 7.67 -18.36
C ALA A 1350 12.30 7.48 -17.30
N LEU A 1351 13.46 6.94 -17.65
CA LEU A 1351 14.46 6.59 -16.64
C LEU A 1351 14.97 7.81 -15.90
N ARG A 1352 15.24 8.91 -16.62
CA ARG A 1352 15.80 10.10 -15.98
C ARG A 1352 14.83 10.70 -14.97
N THR A 1353 13.56 10.80 -15.35
CA THR A 1353 12.55 11.31 -14.42
C THR A 1353 12.37 10.40 -13.22
N LEU A 1354 12.40 9.09 -13.45
CA LEU A 1354 12.28 8.15 -12.34
C LEU A 1354 13.44 8.29 -11.38
N PHE A 1355 14.66 8.44 -11.92
CA PHE A 1355 15.84 8.64 -11.07
C PHE A 1355 15.74 9.93 -10.30
N ASN A 1356 15.24 11.00 -10.92
CA ASN A 1356 15.08 12.25 -10.19
C ASN A 1356 14.07 12.11 -9.06
N VAL A 1357 12.97 11.40 -9.32
CA VAL A 1357 11.98 11.18 -8.27
C VAL A 1357 12.59 10.37 -7.12
N SER A 1358 13.37 9.35 -7.47
CA SER A 1358 14.01 8.53 -6.44
C SER A 1358 15.01 9.35 -5.63
N PHE A 1359 15.72 10.28 -6.29
CA PHE A 1359 16.69 11.10 -5.59
C PHE A 1359 15.99 12.06 -4.63
N LEU A 1360 14.87 12.65 -5.06
CA LEU A 1360 14.07 13.45 -4.15
C LEU A 1360 13.59 12.61 -2.97
N LEU A 1361 13.14 11.38 -3.24
CA LEU A 1361 12.69 10.50 -2.17
C LEU A 1361 13.82 10.23 -1.19
N PHE A 1362 15.02 9.99 -1.70
CA PHE A 1362 16.15 9.67 -0.82
C PHE A 1362 16.58 10.88 0.00
N VAL A 1363 16.50 12.09 -0.57
CA VAL A 1363 16.80 13.28 0.20
C VAL A 1363 15.79 13.47 1.33
N ILE A 1364 14.51 13.26 1.02
CA ILE A 1364 13.48 13.34 2.06
C ILE A 1364 13.74 12.30 3.13
N MET A 1365 14.10 11.09 2.73
CA MET A 1365 14.41 10.04 3.68
C MET A 1365 15.61 10.40 4.54
N PHE A 1366 16.61 11.07 3.96
CA PHE A 1366 17.76 11.51 4.73
C PHE A 1366 17.36 12.52 5.80
N VAL A 1367 16.54 13.49 5.41
CA VAL A 1367 16.07 14.48 6.38
C VAL A 1367 15.32 13.80 7.52
N TYR A 1368 14.38 12.91 7.17
CA TYR A 1368 13.62 12.24 8.20
C TYR A 1368 14.48 11.31 9.03
N ALA A 1369 15.52 10.73 8.44
CA ALA A 1369 16.43 9.86 9.17
C ALA A 1369 17.20 10.64 10.22
N VAL A 1370 17.73 11.81 9.86
CA VAL A 1370 18.47 12.59 10.84
C VAL A 1370 17.53 13.05 11.95
N PHE A 1371 16.32 13.51 11.59
CA PHE A 1371 15.43 14.02 12.62
C PHE A 1371 14.94 12.90 13.54
N GLY A 1372 14.62 11.72 12.98
CA GLY A 1372 14.24 10.60 13.80
C GLY A 1372 15.37 10.08 14.66
N MET A 1373 16.60 10.13 14.15
CA MET A 1373 17.75 9.82 14.97
C MET A 1373 17.82 10.76 16.17
N GLU A 1374 17.55 12.04 15.94
CA GLU A 1374 17.54 12.96 17.06
C GLU A 1374 16.41 12.66 18.04
N PHE A 1375 15.23 12.28 17.54
CA PHE A 1375 14.06 12.18 18.40
C PHE A 1375 13.99 10.82 19.11
N PHE A 1376 14.03 9.73 18.35
CA PHE A 1376 13.68 8.41 18.86
C PHE A 1376 14.87 7.46 18.88
N MET A 1377 16.02 7.95 19.33
CA MET A 1377 17.23 7.16 19.40
C MET A 1377 17.38 6.41 20.71
N HIS A 1378 16.56 6.71 21.72
CA HIS A 1378 16.68 6.08 23.02
C HIS A 1378 15.39 5.40 23.47
N ILE A 1379 14.34 5.42 22.66
CA ILE A 1379 13.10 4.77 23.06
C ILE A 1379 13.37 3.31 23.38
N ARG A 1380 12.61 2.77 24.32
CA ARG A 1380 12.81 1.39 24.70
C ARG A 1380 12.14 0.46 23.70
N ASP A 1381 12.66 -0.77 23.63
CA ASP A 1381 12.18 -1.72 22.63
C ASP A 1381 10.70 -2.01 22.83
N ALA A 1382 9.91 -1.81 21.79
CA ALA A 1382 8.49 -2.08 21.83
C ALA A 1382 7.96 -2.18 20.40
N GLY A 1383 6.99 -3.04 20.20
CA GLY A 1383 6.37 -3.15 18.89
C GLY A 1383 7.40 -3.48 17.83
N ALA A 1384 7.39 -2.67 16.76
CA ALA A 1384 8.31 -2.88 15.66
C ALA A 1384 9.76 -2.55 16.02
N ILE A 1385 9.98 -1.80 17.10
CA ILE A 1385 11.32 -1.34 17.47
C ILE A 1385 11.96 -2.38 18.36
N ASP A 1386 13.18 -2.79 18.00
CA ASP A 1386 13.90 -3.83 18.71
C ASP A 1386 15.39 -3.59 18.57
N ASP A 1387 16.20 -4.61 18.85
CA ASP A 1387 17.65 -4.47 18.77
C ASP A 1387 18.12 -4.25 17.35
N VAL A 1388 17.45 -4.85 16.37
CA VAL A 1388 17.90 -4.76 14.98
C VAL A 1388 17.29 -3.58 14.26
N TYR A 1389 16.05 -3.24 14.58
CA TYR A 1389 15.28 -2.23 13.86
C TYR A 1389 14.91 -1.10 14.81
N ASN A 1390 15.55 0.05 14.63
CA ASN A 1390 15.37 1.21 15.50
C ASN A 1390 16.02 2.40 14.81
N PHE A 1391 16.09 3.53 15.53
CA PHE A 1391 16.68 4.75 15.02
C PHE A 1391 18.05 5.05 15.64
N LYS A 1392 18.74 4.03 16.15
CA LYS A 1392 20.01 4.25 16.82
C LYS A 1392 21.06 4.77 15.87
N THR A 1393 21.19 4.16 14.70
CA THR A 1393 22.17 4.56 13.70
C THR A 1393 21.46 5.07 12.46
N PHE A 1394 22.23 5.73 11.60
CA PHE A 1394 21.68 6.25 10.35
C PHE A 1394 21.25 5.13 9.42
N GLY A 1395 22.03 4.05 9.36
CA GLY A 1395 21.67 2.94 8.49
C GLY A 1395 20.39 2.25 8.93
N GLN A 1396 20.25 1.99 10.23
CA GLN A 1396 19.02 1.38 10.72
C GLN A 1396 17.83 2.31 10.52
N SER A 1397 18.03 3.61 10.71
CA SER A 1397 16.96 4.56 10.44
C SER A 1397 16.55 4.53 8.97
N ILE A 1398 17.53 4.42 8.08
CA ILE A 1398 17.22 4.35 6.65
C ILE A 1398 16.47 3.06 6.34
N ILE A 1399 16.84 1.96 6.99
CA ILE A 1399 16.09 0.71 6.79
C ILE A 1399 14.63 0.90 7.20
N LEU A 1400 14.41 1.44 8.39
CA LEU A 1400 13.04 1.67 8.85
C LEU A 1400 12.30 2.61 7.92
N LEU A 1401 12.96 3.67 7.45
CA LEU A 1401 12.27 4.67 6.65
C LEU A 1401 11.99 4.15 5.24
N PHE A 1402 12.86 3.31 4.69
CA PHE A 1402 12.55 2.67 3.42
C PHE A 1402 11.33 1.78 3.58
N GLN A 1403 11.25 1.04 4.68
CA GLN A 1403 10.05 0.24 4.93
C GLN A 1403 8.82 1.12 5.06
N LEU A 1404 8.94 2.25 5.77
CA LEU A 1404 7.80 3.11 6.04
C LEU A 1404 7.38 3.95 4.84
N ALA A 1405 8.26 4.14 3.86
CA ALA A 1405 7.91 4.95 2.69
C ALA A 1405 6.78 4.32 1.89
N THR A 1406 6.52 3.02 2.07
CA THR A 1406 5.38 2.34 1.47
C THR A 1406 4.22 2.22 2.43
N SER A 1407 4.30 2.86 3.60
CA SER A 1407 3.31 2.81 4.66
C SER A 1407 3.23 1.44 5.33
N ALA A 1408 4.19 0.55 5.03
CA ALA A 1408 4.13 -0.81 5.53
C ALA A 1408 4.62 -0.87 6.98
N GLY A 1409 3.76 -1.36 7.86
CA GLY A 1409 4.15 -1.59 9.23
C GLY A 1409 4.32 -0.34 10.07
N TRP A 1410 3.60 0.73 9.75
CA TRP A 1410 3.73 1.96 10.55
C TRP A 1410 2.92 1.92 11.82
N ASP A 1411 2.00 0.97 11.99
CA ASP A 1411 1.29 0.84 13.26
C ASP A 1411 2.25 0.41 14.37
N GLY A 1412 3.13 -0.54 14.08
CA GLY A 1412 4.10 -0.95 15.09
C GLY A 1412 5.09 0.16 15.42
N VAL A 1413 5.57 0.87 14.40
CA VAL A 1413 6.48 1.99 14.64
C VAL A 1413 5.79 3.06 15.48
N TYR A 1414 4.53 3.37 15.15
CA TYR A 1414 3.80 4.36 15.94
C TYR A 1414 3.66 3.90 17.38
N PHE A 1415 3.30 2.64 17.60
CA PHE A 1415 3.17 2.15 18.96
C PHE A 1415 4.47 2.28 19.72
N ALA A 1416 5.60 2.03 19.05
CA ALA A 1416 6.89 2.11 19.72
C ALA A 1416 7.25 3.56 20.05
N ILE A 1417 7.12 4.46 19.07
CA ILE A 1417 7.64 5.82 19.24
C ILE A 1417 6.66 6.73 19.98
N ALA A 1418 5.39 6.36 20.07
CA ALA A 1418 4.40 7.14 20.79
C ALA A 1418 4.18 6.63 22.21
N ASN A 1419 4.81 5.53 22.59
CA ASN A 1419 4.68 5.00 23.93
C ASN A 1419 5.19 6.02 24.96
N GLU A 1420 4.42 6.17 26.04
CA GLU A 1420 4.77 7.10 27.10
C GLU A 1420 4.55 6.50 28.48
N GLU A 1421 4.41 5.18 28.58
CA GLU A 1421 4.07 4.51 29.82
C GLU A 1421 5.19 3.55 30.20
N ASP A 1422 5.45 3.46 31.51
CA ASP A 1422 6.55 2.65 32.03
C ASP A 1422 7.88 3.10 31.43
N CYS A 1423 8.07 4.41 31.32
CA CYS A 1423 9.27 5.00 30.76
C CYS A 1423 9.90 5.91 31.80
N ARG A 1424 11.22 5.90 31.88
CA ARG A 1424 11.93 6.70 32.87
C ARG A 1424 12.46 7.97 32.21
N ALA A 1425 12.24 9.10 32.87
CA ALA A 1425 12.62 10.39 32.32
C ALA A 1425 14.14 10.57 32.38
N PRO A 1426 14.69 11.42 31.52
CA PRO A 1426 16.13 11.68 31.58
C PRO A 1426 16.53 12.37 32.87
N ASP A 1427 17.77 12.09 33.29
CA ASP A 1427 18.40 12.76 34.43
C ASP A 1427 19.53 13.62 33.87
N HIS A 1428 19.28 14.92 33.77
CA HIS A 1428 20.29 15.81 33.19
C HIS A 1428 21.56 15.81 34.03
N GLU A 1429 21.43 15.81 35.35
CA GLU A 1429 22.61 15.80 36.21
C GLU A 1429 23.42 14.51 36.01
N LEU A 1430 22.73 13.37 35.91
CA LEU A 1430 23.41 12.08 35.72
C LEU A 1430 23.68 11.76 34.26
N GLY A 1431 23.16 12.54 33.33
CA GLY A 1431 23.45 12.37 31.92
C GLY A 1431 22.64 11.32 31.20
N TYR A 1432 21.66 10.72 31.86
CA TYR A 1432 20.85 9.70 31.20
C TYR A 1432 19.86 10.35 30.23
N PRO A 1433 19.85 9.95 28.96
CA PRO A 1433 19.01 10.66 27.98
C PRO A 1433 17.53 10.30 28.02
N GLY A 1434 17.13 9.25 28.75
CA GLY A 1434 15.75 8.82 28.77
C GLY A 1434 15.49 7.67 27.82
N ASN A 1435 14.32 7.07 27.99
CA ASN A 1435 13.85 6.07 27.04
C ASN A 1435 12.39 6.26 26.69
N CYS A 1436 11.80 7.38 27.07
CA CYS A 1436 10.38 7.63 26.83
C CYS A 1436 10.19 8.24 25.45
N GLY A 1437 9.07 7.89 24.83
CA GLY A 1437 8.67 8.48 23.57
C GLY A 1437 7.82 9.72 23.77
N SER A 1438 7.23 10.17 22.66
CA SER A 1438 6.37 11.34 22.65
C SER A 1438 5.23 11.06 21.69
N ARG A 1439 4.01 11.02 22.21
CA ARG A 1439 2.87 10.72 21.36
C ARG A 1439 2.66 11.83 20.33
N ALA A 1440 2.75 13.08 20.76
CA ALA A 1440 2.55 14.20 19.83
C ALA A 1440 3.64 14.23 18.77
N LEU A 1441 4.90 14.11 19.20
CA LEU A 1441 6.00 14.11 18.25
C LEU A 1441 5.92 12.91 17.32
N GLY A 1442 5.57 11.75 17.87
CA GLY A 1442 5.40 10.57 17.02
C GLY A 1442 4.32 10.76 15.97
N ILE A 1443 3.18 11.32 16.38
CA ILE A 1443 2.09 11.56 15.43
C ILE A 1443 2.55 12.52 14.35
N ALA A 1444 3.17 13.64 14.75
CA ALA A 1444 3.61 14.61 13.75
C ALA A 1444 4.58 13.96 12.76
N TYR A 1445 5.62 13.30 13.28
CA TYR A 1445 6.62 12.66 12.45
C TYR A 1445 5.99 11.68 11.47
N LEU A 1446 5.20 10.73 12.00
CA LEU A 1446 4.71 9.65 11.16
C LEU A 1446 3.66 10.14 10.17
N VAL A 1447 2.74 11.00 10.61
CA VAL A 1447 1.70 11.48 9.71
C VAL A 1447 2.30 12.33 8.60
N SER A 1448 3.25 13.20 8.94
CA SER A 1448 3.90 13.99 7.91
C SER A 1448 4.64 13.11 6.92
N TYR A 1449 5.34 12.08 7.43
CA TYR A 1449 6.06 11.18 6.51
C TYR A 1449 5.09 10.43 5.61
N LEU A 1450 3.98 9.94 6.17
CA LEU A 1450 3.01 9.20 5.37
C LEU A 1450 2.39 10.09 4.30
N ILE A 1451 2.08 11.34 4.65
CA ILE A 1451 1.46 12.24 3.68
C ILE A 1451 2.47 12.61 2.59
N ILE A 1452 3.73 12.83 2.95
CA ILE A 1452 4.70 13.32 1.98
C ILE A 1452 5.18 12.20 1.06
N THR A 1453 5.40 11.00 1.59
CA THR A 1453 5.95 9.91 0.79
C THR A 1453 4.85 9.05 0.18
N CYS A 1454 4.01 8.45 1.02
CA CYS A 1454 3.03 7.47 0.54
C CYS A 1454 2.02 8.11 -0.39
N LEU A 1455 1.56 9.32 -0.07
CA LEU A 1455 0.46 9.94 -0.81
C LEU A 1455 0.92 10.91 -1.89
N VAL A 1456 2.17 11.37 -1.86
CA VAL A 1456 2.61 12.40 -2.81
C VAL A 1456 3.78 11.90 -3.64
N VAL A 1457 4.91 11.61 -3.00
CA VAL A 1457 6.13 11.33 -3.75
C VAL A 1457 6.07 9.96 -4.41
N ILE A 1458 5.56 8.95 -3.70
CA ILE A 1458 5.44 7.62 -4.30
C ILE A 1458 4.51 7.66 -5.50
N ASN A 1459 3.36 8.33 -5.35
CA ASN A 1459 2.42 8.43 -6.45
C ASN A 1459 3.05 9.06 -7.68
N MET A 1460 4.05 9.93 -7.48
CA MET A 1460 4.72 10.53 -8.62
C MET A 1460 5.17 9.48 -9.61
N TYR A 1461 5.74 8.38 -9.10
CA TYR A 1461 6.14 7.29 -9.98
C TYR A 1461 5.02 6.98 -10.98
N ALA A 1462 3.85 6.61 -10.46
CA ALA A 1462 2.75 6.25 -11.34
C ALA A 1462 2.53 7.33 -12.39
N ALA A 1463 2.42 8.59 -11.95
CA ALA A 1463 2.23 9.68 -12.90
C ALA A 1463 3.22 9.54 -14.05
N VAL A 1464 4.51 9.62 -13.72
CA VAL A 1464 5.55 9.53 -14.75
C VAL A 1464 5.24 8.34 -15.66
N ILE A 1465 5.13 7.16 -15.05
CA ILE A 1465 4.97 5.94 -15.84
C ILE A 1465 3.84 6.13 -16.84
N LEU A 1466 2.64 6.47 -16.34
CA LEU A 1466 1.50 6.52 -17.23
C LEU A 1466 1.81 7.38 -18.44
N ASP A 1467 2.31 8.60 -18.21
CA ASP A 1467 2.51 9.49 -19.34
C ASP A 1467 3.34 8.80 -20.40
N TYR A 1468 4.53 8.34 -20.02
CA TYR A 1468 5.42 7.77 -21.02
C TYR A 1468 4.77 6.57 -21.68
N VAL A 1469 4.16 5.70 -20.88
CA VAL A 1469 3.54 4.51 -21.46
C VAL A 1469 2.48 4.93 -22.46
N LEU A 1470 1.62 5.88 -22.07
CA LEU A 1470 0.62 6.35 -23.01
C LEU A 1470 1.27 6.89 -24.26
N GLU A 1471 2.31 7.71 -24.08
CA GLU A 1471 3.00 8.27 -25.25
C GLU A 1471 3.44 7.17 -26.18
N VAL A 1472 3.94 6.06 -25.62
CA VAL A 1472 4.40 4.96 -26.45
C VAL A 1472 3.22 4.29 -27.12
N TYR A 1473 2.15 4.03 -26.37
CA TYR A 1473 1.09 3.19 -26.91
C TYR A 1473 0.39 3.89 -28.07
N GLU A 1474 0.08 5.18 -27.92
CA GLU A 1474 -0.54 5.91 -29.01
C GLU A 1474 0.39 6.00 -30.22
N ASP A 1475 1.70 5.85 -30.03
CA ASP A 1475 2.59 5.76 -31.18
C ASP A 1475 2.41 4.42 -31.90
N SER A 1476 2.23 3.34 -31.14
CA SER A 1476 2.10 2.01 -31.73
C SER A 1476 0.68 1.68 -32.14
N LYS A 1477 -0.29 2.55 -31.84
CA LYS A 1477 -1.69 2.31 -32.19
C LYS A 1477 -2.24 3.31 -33.19
N GLU A 1478 -1.95 4.60 -33.03
CA GLU A 1478 -2.47 5.65 -33.90
C GLU A 1478 -1.34 6.53 -34.41
N GLY A 1479 -0.18 5.94 -34.68
CA GLY A 1479 0.94 6.71 -35.15
C GLY A 1479 2.05 5.81 -35.65
N LEU A 1480 3.22 6.41 -35.83
CA LEU A 1480 4.40 5.68 -36.26
C LEU A 1480 5.32 5.43 -35.07
N THR A 1481 5.95 4.26 -35.06
CA THR A 1481 6.91 3.88 -34.04
C THR A 1481 8.26 3.63 -34.67
N ASP A 1482 9.30 3.64 -33.84
CA ASP A 1482 10.65 3.43 -34.34
C ASP A 1482 10.77 2.10 -35.07
N ASP A 1483 9.92 1.13 -34.74
CA ASP A 1483 9.97 -0.16 -35.44
C ASP A 1483 9.46 -0.03 -36.86
N ASP A 1484 8.50 0.85 -37.11
CA ASP A 1484 8.05 1.10 -38.47
C ASP A 1484 9.19 1.64 -39.33
N TYR A 1485 9.91 2.63 -38.81
CA TYR A 1485 11.09 3.14 -39.51
C TYR A 1485 12.15 2.07 -39.66
N ASP A 1486 12.28 1.20 -38.65
CA ASP A 1486 13.26 0.14 -38.72
C ASP A 1486 12.96 -0.80 -39.88
N MET A 1487 11.69 -1.18 -40.02
CA MET A 1487 11.29 -2.01 -41.16
C MET A 1487 11.52 -1.28 -42.47
N PHE A 1488 11.20 0.02 -42.51
CA PHE A 1488 11.39 0.78 -43.73
C PHE A 1488 12.85 0.78 -44.16
N PHE A 1489 13.77 0.97 -43.21
CA PHE A 1489 15.18 1.05 -43.56
C PHE A 1489 15.81 -0.32 -43.76
N GLU A 1490 15.26 -1.37 -43.13
CA GLU A 1490 15.69 -2.71 -43.45
C GLU A 1490 15.32 -3.08 -44.88
N VAL A 1491 14.12 -2.70 -45.31
CA VAL A 1491 13.76 -2.87 -46.71
C VAL A 1491 14.62 -1.97 -47.59
N TRP A 1492 14.81 -0.73 -47.18
CA TRP A 1492 15.46 0.29 -48.01
C TRP A 1492 16.97 0.15 -47.98
N CYS B 27 -25.92 10.72 50.72
CA CYS B 27 -25.02 10.46 49.62
C CYS B 27 -25.28 9.07 49.03
N LYS B 28 -24.80 8.84 47.81
CA LYS B 28 -25.02 7.60 47.10
C LYS B 28 -23.69 7.01 46.64
N LYS B 29 -23.74 5.78 46.17
CA LYS B 29 -22.58 4.92 46.02
C LYS B 29 -22.05 4.97 44.58
N TYR B 30 -21.06 4.11 44.30
CA TYR B 30 -20.46 4.01 42.99
C TYR B 30 -21.48 3.55 41.94
N ASP B 31 -21.34 4.10 40.73
CA ASP B 31 -22.11 3.66 39.58
C ASP B 31 -23.58 4.05 39.69
N VAL B 32 -23.84 5.25 40.23
CA VAL B 32 -25.20 5.72 40.45
C VAL B 32 -25.35 7.12 39.86
N GLU B 33 -26.56 7.45 39.43
CA GLU B 33 -26.82 8.73 38.79
C GLU B 33 -26.61 9.88 39.76
N CYS B 34 -25.99 10.94 39.27
CA CYS B 34 -25.63 12.08 40.11
C CYS B 34 -25.27 13.28 39.25
N ASP B 35 -25.33 14.47 39.87
CA ASP B 35 -25.21 15.75 39.17
C ASP B 35 -24.16 16.65 39.82
N SER B 36 -23.01 16.09 40.17
CA SER B 36 -21.78 16.80 40.53
C SER B 36 -21.82 17.42 41.92
N GLY B 37 -22.95 17.39 42.63
CA GLY B 37 -23.02 18.01 43.93
C GLY B 37 -23.44 17.07 45.04
N GLU B 38 -23.59 15.79 44.71
CA GLU B 38 -24.12 14.81 45.65
C GLU B 38 -23.28 13.54 45.69
N CYS B 39 -22.03 13.62 45.24
CA CYS B 39 -21.14 12.47 45.20
C CYS B 39 -20.33 12.37 46.48
N CYS B 40 -20.19 11.14 46.99
CA CYS B 40 -19.40 10.91 48.19
C CYS B 40 -17.93 11.22 47.92
N GLN B 41 -17.22 11.63 48.95
CA GLN B 41 -15.80 11.96 48.80
C GLN B 41 -15.01 10.75 48.34
N LYS B 42 -15.15 9.63 49.05
CA LYS B 42 -14.40 8.41 48.73
C LYS B 42 -15.28 7.21 49.03
N GLN B 43 -14.92 6.07 48.45
CA GLN B 43 -15.59 4.82 48.74
C GLN B 43 -14.58 3.70 48.84
N TYR B 44 -14.84 2.76 49.75
CA TYR B 44 -14.01 1.56 49.92
C TYR B 44 -14.52 0.47 48.97
N LEU B 45 -14.22 0.68 47.69
CA LEU B 45 -14.64 -0.22 46.62
C LEU B 45 -13.42 -0.88 45.99
N TRP B 46 -13.46 -2.20 45.91
CA TRP B 46 -12.34 -3.01 45.41
C TRP B 46 -11.06 -2.72 46.18
N TYR B 47 -11.18 -2.73 47.50
CA TYR B 47 -10.13 -2.96 48.47
C TYR B 47 -9.29 -1.73 48.75
N LYS B 48 -9.52 -0.61 48.05
CA LYS B 48 -8.81 0.63 48.30
C LYS B 48 -9.81 1.77 48.47
N TRP B 49 -9.44 2.74 49.30
CA TRP B 49 -10.24 3.96 49.45
C TRP B 49 -10.02 4.79 48.19
N ARG B 50 -11.00 4.77 47.29
CA ARG B 50 -10.90 5.46 46.02
C ARG B 50 -11.78 6.70 46.02
N PRO B 51 -11.25 7.88 45.66
CA PRO B 51 -12.11 9.05 45.57
C PRO B 51 -13.15 8.87 44.48
N LEU B 52 -14.28 9.55 44.63
CA LEU B 52 -15.37 9.48 43.68
C LEU B 52 -15.72 10.86 43.16
N ASP B 53 -15.90 10.96 41.85
CA ASP B 53 -16.39 12.16 41.20
C ASP B 53 -17.52 11.75 40.28
N CYS B 54 -18.47 12.65 40.09
CA CYS B 54 -19.62 12.33 39.25
C CYS B 54 -19.23 12.62 37.81
N ARG B 55 -18.86 11.57 37.07
CA ARG B 55 -18.53 11.66 35.66
C ARG B 55 -19.77 11.34 34.83
N CYS B 56 -19.61 11.29 33.51
CA CYS B 56 -20.74 10.99 32.64
C CYS B 56 -20.24 10.21 31.43
N LEU B 57 -20.74 8.99 31.28
CA LEU B 57 -20.16 7.99 30.42
C LEU B 57 -21.09 7.71 29.23
N LYS B 58 -20.50 7.28 28.13
CA LYS B 58 -21.26 7.07 26.90
C LYS B 58 -22.39 6.07 27.14
N SER B 59 -23.59 6.42 26.70
CA SER B 59 -24.76 5.55 26.82
C SER B 59 -25.62 5.61 25.57
N GLY B 60 -25.00 5.60 24.40
CA GLY B 60 -25.71 5.57 23.14
C GLY B 60 -25.19 6.63 22.20
N PHE B 61 -25.93 6.88 21.13
CA PHE B 61 -25.56 7.90 20.16
C PHE B 61 -25.94 9.28 20.70
N PHE B 62 -24.94 10.16 20.80
CA PHE B 62 -25.14 11.51 21.35
C PHE B 62 -25.92 11.46 22.66
N SER B 63 -25.84 10.33 23.34
CA SER B 63 -26.52 10.11 24.62
C SER B 63 -25.51 9.57 25.61
N SER B 64 -25.56 10.06 26.84
CA SER B 64 -24.64 9.63 27.88
C SER B 64 -25.36 9.61 29.21
N LYS B 65 -25.04 8.63 30.04
CA LYS B 65 -25.58 8.49 31.37
C LYS B 65 -24.57 9.03 32.37
N CYS B 66 -25.01 9.94 33.23
CA CYS B 66 -24.14 10.59 34.21
C CYS B 66 -24.16 9.77 35.50
N VAL B 67 -22.99 9.25 35.87
CA VAL B 67 -22.86 8.31 36.98
C VAL B 67 -21.68 8.74 37.84
N CYS B 68 -21.72 8.36 39.11
CA CYS B 68 -20.61 8.61 40.01
C CYS B 68 -19.57 7.51 39.86
N ARG B 69 -18.39 7.87 39.38
CA ARG B 69 -17.27 6.94 39.31
C ARG B 69 -16.01 7.61 39.84
N ASP B 70 -15.05 6.77 40.22
CA ASP B 70 -13.79 7.28 40.74
C ASP B 70 -13.04 8.06 39.67
N VAL B 71 -12.36 9.13 40.07
CA VAL B 71 -11.54 9.91 39.15
C VAL B 71 -10.42 9.04 38.62
#